data_6J5W
#
_entry.id   6J5W
#
_cell.length_a   1.0
_cell.length_b   1.0
_cell.length_c   1.0
_cell.angle_alpha   90.00
_cell.angle_beta   90.00
_cell.angle_gamma   90.00
#
_symmetry.space_group_name_H-M   'P 1'
#
loop_
_entity.id
_entity.type
_entity.pdbx_description
1 polymer RKS1
2 polymer 'Disease resistance RPP13-like protein 4'
3 non-polymer "ADENOSINE-5'-DIPHOSPHATE"
#
loop_
_entity_poly.entity_id
_entity_poly.type
_entity_poly.pdbx_seq_one_letter_code
_entity_poly.pdbx_strand_id
1 'polypeptide(L)'
;MKKQYLKSGSGTRKEKDKAKRWFLDNGSIFLRELVADCNGKSIPIRSFSPEQILKATNNFDSSCFVSQDVYYKWYRGEIE
DRSYMIKRFSEDEITGKRHRVKEVYNDIVLSARMSNHSNFLQLLGCCLEFPFPVLVFEFAEHGAMNQRGGVIVNGEESLL
PWSVRLKIGKEIANAVTYLHTAFPKIIIHRDVKPMHVFLDKNWTAKLSDLSFSISLPEGKSRIEAEWVLGTFGYIDPLYH
KTCFVTEYTDVYSFGICLLVIITGKPAIMTISDGDLQGILSLVRELCENGKLDEVIDPRLMKDITSGQRLQVEACVVLAL
RCCKERDEDRPKMIQVAKELKQIEASLKNSS
;
B
2 'polypeptide(L)'
;MVDAVVTVFLEKTLNILEEKGRTVSDYRKQLEDLQSELKYMQSFLKDAERQKRTNETLRTLVADLRELVYEAEDILVDCQ
LADGDDGNEQRSSNAWLSRLHPARVPLQYKKSKRLQEINERITKIKSQVEPYFEFITPSNVGRDNGTDRWSSPVYDHTQV
VGLEGDKRKIKEWLFRSNDSQLLIMAFVGMGGLGKTTIAQEVFNDKEIEHRFERRIWVSVSQTFTEEQIMRSILRNLGDA
SVGDDIGTLLRKIQQYLLGKRYLIVMDDVWDKNLSWWDKIYQGLPRGQGGSVIVTTRSESVAKRVQARDDKTHRPELLSP
DNSWLLFCNVAFAANDGTCERPELEDVGKEIVTKCKGLPLTIKAVGGLLLCKDHVYHEWRRIAEHFQDELRGNTSETDNV
MSSLQLSYDELPSHLKSCILTLSLYPEDCVIPKQQLVHGWIGEGFVMWRNGRSATESGEDCFSGLTNRCLIEVVDKTYSG
TIITCKIHDMVRDLVIDIAKKDSFSNPEGLNCRHLGISGNFDEKQIKVNHKLRGVVSTTKTGEVNKLNSDLAKKFTDCKY
LRVLDISKSIFDAPLSEILDEIASLQHLACLSLSNTHPLIQFPRSMEDLHNLQILDASYCQNLKQLQPCIVLFKKLLVLD
MTNCGSLECFPKGIGSLVKLEVLLGFKPARSNNGCKLSEVKNLTNLRKLGLSLTRGDQIEEEELDSLINLSKLMSISINC
YDSYGDDLITKIDALTPPHQLHELSLQFYPGKSSPSWLSPHKLPMLRYMSICSGNLVKMQEPFWGNENTHWRIEGLMLSS
LSDLDMDWEVLQQSMPYLRTVTANWCPELESFAIEDVGFRGGVWMKTPLHRT
;
A
#
loop_
_chem_comp.id
_chem_comp.type
_chem_comp.name
_chem_comp.formula
ADP non-polymer ADENOSINE-5'-DIPHOSPHATE 'C10 H15 N5 O10 P2'
#
# COMPACT_ATOMS: atom_id res chain seq x y z
N GLU A 15 37.61 -10.96 -13.04
CA GLU A 15 37.29 -9.55 -12.82
C GLU A 15 35.79 -9.39 -12.54
N LYS A 16 34.99 -10.20 -13.23
CA LYS A 16 33.54 -10.06 -13.19
C LYS A 16 32.95 -10.47 -11.84
N ASP A 17 33.72 -11.22 -11.05
CA ASP A 17 33.32 -11.58 -9.69
C ASP A 17 33.14 -10.35 -8.81
N LYS A 18 33.88 -9.27 -9.09
CA LYS A 18 33.73 -8.00 -8.40
C LYS A 18 32.41 -7.32 -8.74
N ALA A 19 31.83 -7.61 -9.90
CA ALA A 19 30.63 -6.92 -10.33
C ALA A 19 29.41 -7.42 -9.56
N LYS A 20 29.29 -8.73 -9.42
CA LYS A 20 28.14 -9.29 -8.72
C LYS A 20 28.21 -9.04 -7.22
N ARG A 21 29.41 -8.91 -6.66
CA ARG A 21 29.52 -8.58 -5.25
C ARG A 21 29.13 -7.14 -5.00
N TRP A 22 29.34 -6.26 -5.98
CA TRP A 22 28.73 -4.93 -5.95
C TRP A 22 27.22 -5.04 -6.02
N PHE A 23 26.72 -5.91 -6.89
CA PHE A 23 25.29 -6.02 -7.17
C PHE A 23 24.49 -6.44 -5.95
N LEU A 24 25.00 -7.44 -5.22
CA LEU A 24 24.27 -7.96 -4.06
C LEU A 24 24.17 -6.93 -2.95
N ASP A 25 25.30 -6.30 -2.60
CA ASP A 25 25.30 -5.32 -1.52
C ASP A 25 24.50 -4.08 -1.88
N ASN A 26 24.67 -3.56 -3.10
CA ASN A 26 23.98 -2.33 -3.45
C ASN A 26 22.49 -2.54 -3.62
N GLY A 27 22.07 -3.68 -4.17
CA GLY A 27 20.65 -3.90 -4.21
C GLY A 27 20.02 -4.26 -2.89
N SER A 28 20.78 -4.89 -1.97
CA SER A 28 20.30 -5.10 -0.62
C SER A 28 20.06 -3.79 0.10
N ILE A 29 21.04 -2.87 0.02
CA ILE A 29 20.90 -1.57 0.67
C ILE A 29 19.79 -0.76 0.03
N PHE A 30 19.67 -0.83 -1.31
CA PHE A 30 18.63 -0.10 -2.01
C PHE A 30 17.24 -0.61 -1.68
N LEU A 31 17.07 -1.93 -1.56
CA LEU A 31 15.77 -2.48 -1.22
C LEU A 31 15.41 -2.18 0.23
N ARG A 32 16.37 -2.31 1.15
CA ARG A 32 16.15 -1.96 2.55
C ARG A 32 15.79 -0.50 2.73
N GLU A 33 16.33 0.39 1.91
CA GLU A 33 15.90 1.78 2.00
C GLU A 33 14.53 2.01 1.39
N LEU A 34 14.24 1.37 0.26
CA LEU A 34 13.01 1.67 -0.47
C LEU A 34 11.79 1.11 0.24
N VAL A 35 11.89 -0.07 0.86
CA VAL A 35 10.77 -0.61 1.61
C VAL A 35 10.48 0.24 2.83
N ALA A 36 11.52 0.75 3.47
CA ALA A 36 11.32 1.64 4.61
C ALA A 36 10.72 2.97 4.19
N ASP A 37 11.01 3.44 2.98
CA ASP A 37 10.56 4.76 2.61
C ASP A 37 9.22 4.78 1.87
N CYS A 38 8.81 3.68 1.25
CA CYS A 38 7.60 3.73 0.44
C CYS A 38 6.66 2.56 0.65
N ASN A 39 6.94 1.68 1.63
CA ASN A 39 6.30 0.37 1.80
C ASN A 39 6.37 -0.46 0.52
N GLY A 40 7.53 -0.43 -0.14
CA GLY A 40 7.77 -1.27 -1.28
C GLY A 40 7.25 -0.77 -2.61
N LYS A 41 6.09 -0.12 -2.60
CA LYS A 41 5.46 0.33 -3.83
C LYS A 41 6.15 1.58 -4.36
N SER A 42 6.49 1.57 -5.64
CA SER A 42 7.30 2.63 -6.20
C SER A 42 6.92 2.82 -7.66
N ILE A 43 7.79 3.52 -8.39
CA ILE A 43 7.62 3.89 -9.79
C ILE A 43 8.47 2.88 -10.55
N PRO A 44 8.17 2.53 -11.81
CA PRO A 44 9.05 1.60 -12.55
C PRO A 44 10.45 2.13 -12.76
N ILE A 45 11.43 1.38 -12.23
CA ILE A 45 12.84 1.69 -12.37
C ILE A 45 13.45 0.62 -13.26
N ARG A 46 14.09 1.03 -14.35
CA ARG A 46 14.60 0.08 -15.32
C ARG A 46 16.10 -0.11 -15.11
N SER A 47 16.53 -1.37 -15.08
CA SER A 47 17.91 -1.69 -14.74
C SER A 47 18.75 -1.77 -16.01
N PHE A 48 19.79 -0.97 -16.08
CA PHE A 48 20.71 -0.95 -17.22
C PHE A 48 21.91 -1.84 -16.93
N SER A 49 22.42 -2.49 -17.98
CA SER A 49 23.74 -3.06 -17.90
C SER A 49 24.77 -1.93 -17.87
N PRO A 50 25.90 -2.11 -17.19
CA PRO A 50 26.89 -1.03 -17.10
C PRO A 50 27.56 -0.72 -18.43
N GLU A 51 27.59 -1.67 -19.36
CA GLU A 51 28.17 -1.41 -20.67
C GLU A 51 27.37 -0.38 -21.44
N GLN A 52 26.06 -0.34 -21.26
CA GLN A 52 25.24 0.65 -21.95
C GLN A 52 25.55 2.05 -21.47
N ILE A 53 25.76 2.23 -20.18
CA ILE A 53 26.09 3.56 -19.68
C ILE A 53 27.52 3.94 -20.04
N LEU A 54 28.45 2.99 -19.97
CA LEU A 54 29.82 3.31 -20.40
C LEU A 54 29.93 3.58 -21.90
N LYS A 55 29.03 3.03 -22.71
CA LYS A 55 29.04 3.37 -24.13
C LYS A 55 28.28 4.67 -24.39
N ALA A 56 27.29 4.99 -23.56
CA ALA A 56 26.42 6.12 -23.82
C ALA A 56 27.11 7.46 -23.60
N THR A 57 28.14 7.47 -22.77
CA THR A 57 28.87 8.70 -22.48
C THR A 57 30.34 8.60 -22.84
N ASN A 58 30.73 7.55 -23.56
CA ASN A 58 32.12 7.30 -24.00
C ASN A 58 33.06 7.22 -22.80
N ASN A 59 32.68 6.40 -21.83
CA ASN A 59 33.46 6.12 -20.61
C ASN A 59 33.72 7.38 -19.79
N PHE A 60 32.70 8.25 -19.70
CA PHE A 60 32.68 9.44 -18.83
C PHE A 60 33.80 10.43 -19.17
N ASP A 61 34.30 10.41 -20.40
CA ASP A 61 35.58 11.02 -20.73
C ASP A 61 35.46 11.86 -21.99
N SER A 62 34.48 12.75 -22.01
CA SER A 62 34.25 13.56 -23.20
C SER A 62 33.68 14.91 -22.79
N SER A 63 33.11 15.62 -23.75
CA SER A 63 32.36 16.84 -23.54
C SER A 63 30.91 16.57 -23.17
N CYS A 64 30.59 15.38 -22.71
CA CYS A 64 29.22 15.04 -22.37
C CYS A 64 28.80 15.55 -21.01
N PHE A 65 29.73 16.01 -20.18
CA PHE A 65 29.35 16.41 -18.84
C PHE A 65 28.81 17.83 -18.85
N VAL A 66 27.73 18.03 -18.11
CA VAL A 66 27.03 19.30 -18.09
C VAL A 66 27.60 20.16 -16.97
N SER A 67 27.55 19.65 -15.75
CA SER A 67 28.03 20.39 -14.59
C SER A 67 28.82 19.42 -13.72
N GLN A 68 29.10 19.83 -12.50
CA GLN A 68 29.77 18.99 -11.53
C GLN A 68 29.49 19.52 -10.14
N ASP A 69 29.91 18.75 -9.15
CA ASP A 69 29.73 19.08 -7.74
C ASP A 69 30.79 18.30 -6.98
N VAL A 70 30.75 18.36 -5.65
CA VAL A 70 31.69 17.58 -4.85
C VAL A 70 31.37 16.09 -4.95
N TYR A 71 30.09 15.73 -4.81
CA TYR A 71 29.72 14.32 -4.81
C TYR A 71 29.61 13.79 -6.24
N TYR A 72 28.81 14.45 -7.06
CA TYR A 72 28.28 13.88 -8.29
C TYR A 72 28.71 14.66 -9.51
N LYS A 73 28.46 14.06 -10.68
CA LYS A 73 28.74 14.66 -11.97
C LYS A 73 27.65 14.24 -12.95
N TRP A 74 27.06 15.20 -13.65
CA TRP A 74 26.07 14.93 -14.67
C TRP A 74 26.73 14.65 -16.00
N TYR A 75 25.99 13.97 -16.88
CA TYR A 75 26.50 13.56 -18.18
C TYR A 75 25.33 13.39 -19.15
N ARG A 76 25.50 13.85 -20.39
CA ARG A 76 24.47 13.65 -21.40
C ARG A 76 24.58 12.24 -21.98
N GLY A 77 23.45 11.54 -22.04
CA GLY A 77 23.51 10.16 -22.46
C GLY A 77 22.84 9.85 -23.78
N GLU A 78 23.24 8.75 -24.41
CA GLU A 78 22.67 8.32 -25.69
C GLU A 78 22.48 6.80 -25.68
N ILE A 79 21.23 6.37 -25.60
CA ILE A 79 20.86 4.99 -25.86
C ILE A 79 20.17 5.13 -27.21
N GLU A 80 19.72 4.03 -27.83
CA GLU A 80 19.15 4.10 -29.16
C GLU A 80 17.87 4.94 -29.17
N ASP A 81 17.81 5.87 -30.14
CA ASP A 81 16.80 6.88 -30.46
C ASP A 81 16.13 7.52 -29.26
N ARG A 82 16.89 7.73 -28.18
CA ARG A 82 16.37 8.17 -26.89
C ARG A 82 17.55 8.60 -26.04
N SER A 83 17.50 9.79 -25.48
CA SER A 83 18.64 10.37 -24.79
C SER A 83 18.33 10.58 -23.31
N TYR A 84 19.38 10.70 -22.51
CA TYR A 84 19.23 10.63 -21.06
C TYR A 84 20.26 11.54 -20.39
N MET A 85 20.10 11.72 -19.08
CA MET A 85 20.99 12.56 -18.28
C MET A 85 21.54 11.71 -17.15
N ILE A 86 22.68 11.06 -17.41
CA ILE A 86 23.28 10.13 -16.48
C ILE A 86 23.96 10.90 -15.36
N LYS A 87 23.73 10.47 -14.12
CA LYS A 87 24.32 11.07 -12.93
C LYS A 87 25.13 10.00 -12.21
N ARG A 88 26.44 10.15 -12.17
CA ARG A 88 27.26 9.21 -11.43
C ARG A 88 27.69 9.85 -10.12
N PHE A 89 28.21 9.01 -9.23
CA PHE A 89 28.72 9.43 -7.93
C PHE A 89 30.20 9.12 -7.86
N SER A 90 30.97 10.03 -7.28
CA SER A 90 32.42 9.88 -7.18
C SER A 90 32.78 8.99 -6.01
N GLU A 91 33.80 8.14 -6.21
CA GLU A 91 34.12 7.14 -5.19
C GLU A 91 34.85 7.75 -4.00
N ASP A 92 36.07 8.25 -4.22
CA ASP A 92 37.00 8.52 -3.12
C ASP A 92 36.64 9.74 -2.28
N GLU A 93 35.53 10.42 -2.55
CA GLU A 93 35.04 11.44 -1.63
C GLU A 93 33.86 10.95 -0.80
N ILE A 94 33.43 9.71 -1.00
CA ILE A 94 32.35 9.13 -0.21
C ILE A 94 32.84 7.96 0.63
N THR A 95 33.77 7.17 0.11
CA THR A 95 34.30 6.01 0.83
C THR A 95 35.08 6.46 2.06
N GLY A 96 34.67 5.95 3.22
CA GLY A 96 35.21 6.38 4.50
C GLY A 96 34.25 7.21 5.31
N LYS A 97 33.15 7.66 4.69
CA LYS A 97 32.16 8.51 5.35
C LYS A 97 30.82 7.83 5.13
N ARG A 98 30.44 6.93 6.06
CA ARG A 98 29.18 6.21 5.90
C ARG A 98 27.97 7.12 6.10
N HIS A 99 28.15 8.21 6.85
CA HIS A 99 27.09 9.21 7.01
C HIS A 99 26.80 9.95 5.72
N ARG A 100 27.72 9.88 4.76
CA ARG A 100 27.48 10.33 3.40
C ARG A 100 26.92 9.21 2.53
N VAL A 101 27.31 7.97 2.85
CA VAL A 101 26.86 6.80 2.10
C VAL A 101 25.35 6.63 2.22
N LYS A 102 24.77 6.92 3.38
CA LYS A 102 23.32 6.75 3.44
C LYS A 102 22.59 7.91 2.75
N GLU A 103 23.22 9.09 2.67
CA GLU A 103 22.62 10.16 1.88
C GLU A 103 22.69 9.88 0.38
N VAL A 104 23.70 9.12 -0.05
CA VAL A 104 23.79 8.66 -1.43
C VAL A 104 22.54 7.88 -1.85
N TYR A 105 22.04 7.04 -0.96
CA TYR A 105 20.82 6.29 -1.26
C TYR A 105 19.55 7.07 -0.95
N ASN A 106 19.61 8.01 0.00
CA ASN A 106 18.46 8.87 0.24
C ASN A 106 18.15 9.72 -0.99
N ASP A 107 19.19 10.12 -1.73
CA ASP A 107 18.97 10.81 -3.01
C ASP A 107 18.24 9.92 -3.99
N ILE A 108 18.69 8.67 -4.15
CA ILE A 108 18.13 7.86 -5.22
C ILE A 108 16.80 7.23 -4.81
N VAL A 109 16.38 7.39 -3.56
CA VAL A 109 15.03 6.98 -3.20
C VAL A 109 14.06 8.16 -3.22
N LEU A 110 14.50 9.35 -2.78
CA LEU A 110 13.63 10.51 -2.92
C LEU A 110 13.43 10.90 -4.39
N SER A 111 14.43 10.69 -5.24
CA SER A 111 14.28 11.00 -6.64
C SER A 111 13.43 9.98 -7.38
N ALA A 112 13.09 8.87 -6.72
CA ALA A 112 12.16 7.91 -7.30
C ALA A 112 10.79 7.96 -6.65
N ARG A 113 10.65 8.59 -5.50
CA ARG A 113 9.32 8.82 -4.96
C ARG A 113 8.72 10.14 -5.45
N MET A 114 9.55 11.15 -5.64
CA MET A 114 9.08 12.46 -6.06
C MET A 114 8.82 12.56 -7.55
N SER A 115 8.82 11.46 -8.29
CA SER A 115 8.80 11.56 -9.74
C SER A 115 7.40 11.77 -10.28
N ASN A 116 6.38 11.42 -9.52
CA ASN A 116 5.01 11.54 -10.00
C ASN A 116 4.38 12.90 -9.71
N HIS A 117 5.18 13.92 -9.47
CA HIS A 117 4.79 15.31 -9.65
C HIS A 117 5.52 15.86 -10.85
N SER A 118 4.90 16.81 -11.54
CA SER A 118 5.37 17.19 -12.87
C SER A 118 6.60 18.09 -12.83
N ASN A 119 6.94 18.69 -11.69
CA ASN A 119 8.03 19.63 -11.62
C ASN A 119 9.30 19.04 -11.05
N PHE A 120 9.37 17.72 -11.00
CA PHE A 120 10.58 16.99 -10.68
C PHE A 120 10.94 16.14 -11.89
N LEU A 121 12.22 16.05 -12.21
CA LEU A 121 12.61 15.39 -13.45
C LEU A 121 12.55 13.89 -13.22
N GLN A 122 11.93 13.20 -14.16
CA GLN A 122 11.51 11.82 -13.97
C GLN A 122 12.72 10.89 -13.98
N LEU A 123 12.75 9.96 -13.03
CA LEU A 123 13.79 8.95 -12.99
C LEU A 123 13.34 7.77 -13.83
N LEU A 124 14.07 7.49 -14.90
CA LEU A 124 13.70 6.43 -15.81
C LEU A 124 14.41 5.13 -15.53
N GLY A 125 15.37 5.12 -14.60
CA GLY A 125 16.03 3.88 -14.26
C GLY A 125 17.26 4.11 -13.41
N CYS A 126 17.98 3.02 -13.19
CA CYS A 126 19.13 3.03 -12.28
C CYS A 126 19.98 1.80 -12.57
N CYS A 127 21.20 2.01 -13.06
CA CYS A 127 22.18 0.94 -13.13
C CYS A 127 22.88 0.85 -11.79
N LEU A 128 22.79 -0.31 -11.16
CA LEU A 128 23.33 -0.50 -9.82
C LEU A 128 24.51 -1.46 -9.81
N GLU A 129 25.07 -1.75 -10.99
CA GLU A 129 26.21 -2.64 -11.07
C GLU A 129 27.48 -1.97 -10.57
N PHE A 130 27.59 -0.67 -10.77
CA PHE A 130 28.74 0.10 -10.32
C PHE A 130 28.70 0.26 -8.81
N PRO A 131 29.86 0.49 -8.18
CA PRO A 131 29.84 0.92 -6.78
C PRO A 131 29.26 2.32 -6.70
N PHE A 132 28.42 2.53 -5.67
CA PHE A 132 27.64 3.75 -5.47
C PHE A 132 26.79 4.05 -6.70
N PRO A 133 25.63 3.40 -6.84
CA PRO A 133 24.94 3.24 -8.13
C PRO A 133 24.64 4.52 -8.88
N VAL A 134 24.48 4.37 -10.19
CA VAL A 134 24.47 5.46 -11.15
C VAL A 134 23.05 5.71 -11.61
N LEU A 135 22.57 6.93 -11.39
CA LEU A 135 21.22 7.29 -11.76
C LEU A 135 21.11 7.69 -13.22
N VAL A 136 19.90 7.63 -13.75
CA VAL A 136 19.60 8.09 -15.09
C VAL A 136 18.30 8.87 -15.01
N PHE A 137 18.12 9.81 -15.95
CA PHE A 137 16.97 10.69 -15.91
C PHE A 137 16.55 11.04 -17.33
N GLU A 138 15.46 11.79 -17.43
CA GLU A 138 15.01 12.25 -18.74
C GLU A 138 15.89 13.39 -19.23
N PHE A 139 16.15 13.40 -20.53
CA PHE A 139 16.97 14.43 -21.15
C PHE A 139 16.11 15.66 -21.40
N ALA A 140 16.09 16.57 -20.42
CA ALA A 140 15.58 17.91 -20.66
C ALA A 140 16.63 18.66 -21.47
N GLU A 141 16.30 19.00 -22.72
CA GLU A 141 17.33 19.33 -23.71
C GLU A 141 18.01 20.66 -23.42
N HIS A 142 17.41 21.51 -22.61
CA HIS A 142 18.11 22.65 -22.06
C HIS A 142 18.62 22.21 -20.69
N GLY A 143 19.93 22.13 -20.55
CA GLY A 143 20.54 21.57 -19.36
C GLY A 143 20.49 22.43 -18.12
N ALA A 144 21.56 22.37 -17.33
CA ALA A 144 21.59 23.04 -16.04
C ALA A 144 21.59 24.55 -16.23
N MET A 145 20.66 25.22 -15.54
CA MET A 145 20.68 26.66 -15.48
C MET A 145 21.97 27.15 -14.83
N ASN A 146 22.62 28.13 -15.44
CA ASN A 146 23.86 28.67 -14.93
C ASN A 146 23.59 29.58 -13.73
N GLN A 147 24.64 30.21 -13.20
CA GLN A 147 24.48 30.89 -11.91
C GLN A 147 23.70 32.20 -11.99
N ARG A 148 23.23 32.61 -13.18
CA ARG A 148 22.44 33.81 -13.31
C ARG A 148 21.13 33.61 -14.04
N GLY A 149 20.94 32.48 -14.73
CA GLY A 149 19.68 32.23 -15.40
C GLY A 149 19.84 32.02 -16.89
N GLY A 150 19.35 30.89 -17.38
CA GLY A 150 19.43 30.59 -18.80
C GLY A 150 20.37 29.45 -19.15
N VAL A 151 19.92 28.57 -20.04
CA VAL A 151 20.78 27.51 -20.55
C VAL A 151 21.90 28.16 -21.38
N ILE A 152 23.03 27.45 -21.50
CA ILE A 152 24.26 28.02 -22.02
C ILE A 152 24.09 28.47 -23.47
N VAL A 153 24.00 27.53 -24.43
CA VAL A 153 23.00 27.32 -25.50
C VAL A 153 23.73 26.24 -26.30
N ASN A 154 23.09 25.55 -27.26
CA ASN A 154 23.90 24.91 -28.29
C ASN A 154 24.84 25.91 -28.99
N GLY A 155 24.36 27.13 -29.24
CA GLY A 155 25.21 28.28 -29.45
C GLY A 155 25.75 28.82 -28.13
N GLU A 156 25.95 30.15 -28.06
CA GLU A 156 26.30 30.78 -26.78
C GLU A 156 25.56 32.10 -26.55
N GLU A 157 24.30 32.04 -26.11
CA GLU A 157 23.65 32.74 -24.98
C GLU A 157 22.15 32.55 -25.08
N SER A 158 21.47 32.76 -23.95
CA SER A 158 20.03 32.64 -23.83
C SER A 158 19.41 34.01 -23.76
N LEU A 159 18.09 34.06 -23.99
CA LEU A 159 17.35 35.32 -24.00
C LEU A 159 16.49 35.49 -22.74
N LEU A 160 15.66 34.48 -22.43
CA LEU A 160 14.74 34.44 -21.30
C LEU A 160 13.80 35.62 -21.22
N PRO A 161 12.72 35.65 -22.01
CA PRO A 161 11.68 36.67 -21.83
C PRO A 161 11.05 36.59 -20.45
N TRP A 162 10.36 37.67 -20.06
CA TRP A 162 9.95 37.83 -18.67
C TRP A 162 8.90 36.83 -18.25
N SER A 163 7.96 36.49 -19.14
CA SER A 163 6.91 35.56 -18.78
C SER A 163 7.47 34.15 -18.54
N VAL A 164 8.52 33.79 -19.29
CA VAL A 164 9.21 32.53 -19.04
C VAL A 164 9.92 32.55 -17.68
N ARG A 165 10.50 33.69 -17.32
CA ARG A 165 11.14 33.80 -16.02
C ARG A 165 10.12 33.78 -14.88
N LEU A 166 8.92 34.31 -15.10
CA LEU A 166 7.93 34.27 -14.04
C LEU A 166 7.35 32.87 -13.89
N LYS A 167 7.20 32.16 -15.02
CA LYS A 167 6.71 30.79 -14.95
C LYS A 167 7.73 29.88 -14.27
N ILE A 168 9.02 30.06 -14.58
CA ILE A 168 10.04 29.28 -13.89
C ILE A 168 10.23 29.77 -12.45
N GLY A 169 9.77 30.98 -12.14
CA GLY A 169 9.79 31.43 -10.76
C GLY A 169 8.76 30.72 -9.91
N LYS A 170 7.53 30.62 -10.39
CA LYS A 170 6.53 29.95 -9.56
C LYS A 170 6.58 28.44 -9.68
N GLU A 171 7.24 27.91 -10.72
CA GLU A 171 7.23 26.47 -10.91
C GLU A 171 8.13 25.77 -9.89
N ILE A 172 9.19 26.44 -9.44
CA ILE A 172 10.00 25.93 -8.34
C ILE A 172 9.22 26.04 -7.04
N ALA A 173 8.43 27.10 -6.90
CA ALA A 173 7.70 27.34 -5.66
C ALA A 173 6.61 26.31 -5.44
N ASN A 174 6.02 25.79 -6.51
CA ASN A 174 5.11 24.67 -6.33
C ASN A 174 5.85 23.43 -5.85
N ALA A 175 7.06 23.20 -6.36
CA ALA A 175 7.76 21.96 -6.06
C ALA A 175 8.32 21.94 -4.65
N VAL A 176 8.71 23.11 -4.12
CA VAL A 176 9.19 23.15 -2.74
C VAL A 176 8.06 22.84 -1.77
N THR A 177 6.85 23.33 -2.06
CA THR A 177 5.71 22.92 -1.26
C THR A 177 5.30 21.48 -1.51
N TYR A 178 5.65 20.91 -2.66
CA TYR A 178 5.45 19.47 -2.81
C TYR A 178 6.42 18.71 -1.92
N LEU A 179 7.60 19.27 -1.68
CA LEU A 179 8.50 18.69 -0.71
C LEU A 179 8.07 18.94 0.73
N HIS A 180 7.27 19.97 0.99
CA HIS A 180 6.90 20.27 2.38
C HIS A 180 5.54 19.76 2.82
N THR A 181 4.49 19.85 2.00
CA THR A 181 3.15 19.58 2.48
C THR A 181 2.43 18.43 1.80
N ALA A 182 3.06 17.76 0.84
CA ALA A 182 2.33 16.74 0.09
C ALA A 182 2.17 15.47 0.90
N PHE A 183 3.24 14.98 1.42
CA PHE A 183 3.29 13.70 2.09
C PHE A 183 3.00 13.87 3.57
N PRO A 184 2.69 12.79 4.30
CA PRO A 184 2.51 12.93 5.76
C PRO A 184 3.78 13.27 6.53
N LYS A 185 4.92 13.32 5.88
CA LYS A 185 6.15 13.79 6.49
C LYS A 185 6.73 14.90 5.63
N ILE A 186 7.53 15.76 6.23
CA ILE A 186 8.12 16.90 5.53
C ILE A 186 9.53 16.55 5.13
N ILE A 187 10.04 17.24 4.12
CA ILE A 187 11.40 17.02 3.63
C ILE A 187 12.08 18.37 3.49
N ILE A 188 13.30 18.48 4.02
CA ILE A 188 14.04 19.73 4.05
C ILE A 188 15.08 19.67 2.94
N HIS A 189 14.74 20.18 1.78
CA HIS A 189 15.73 20.39 0.72
C HIS A 189 16.63 21.55 1.14
N ARG A 190 17.86 21.25 1.54
CA ARG A 190 18.63 22.21 2.32
C ARG A 190 19.13 23.37 1.49
N ASP A 191 19.57 23.12 0.26
CA ASP A 191 20.10 24.19 -0.59
C ASP A 191 19.36 24.22 -1.92
N VAL A 192 18.40 25.13 -2.03
CA VAL A 192 17.85 25.52 -3.33
C VAL A 192 18.85 26.48 -3.96
N LYS A 193 19.31 26.16 -5.15
CA LYS A 193 20.11 27.03 -5.98
C LYS A 193 19.72 26.79 -7.43
N PRO A 194 19.96 27.75 -8.33
CA PRO A 194 19.72 27.50 -9.75
C PRO A 194 20.71 26.55 -10.40
N MET A 195 21.70 26.03 -9.66
CA MET A 195 22.41 24.83 -10.08
C MET A 195 21.46 23.65 -10.24
N HIS A 196 20.39 23.61 -9.47
CA HIS A 196 19.61 22.40 -9.30
C HIS A 196 18.33 22.41 -10.12
N VAL A 197 18.15 23.37 -11.02
CA VAL A 197 16.93 23.52 -11.79
C VAL A 197 17.26 23.31 -13.26
N PHE A 198 16.65 22.32 -13.88
CA PHE A 198 16.83 22.10 -15.30
C PHE A 198 15.66 22.72 -16.07
N LEU A 199 15.65 22.52 -17.38
CA LEU A 199 14.67 23.14 -18.25
C LEU A 199 14.18 22.18 -19.30
N ASP A 200 12.89 21.89 -19.29
CA ASP A 200 12.26 21.03 -20.28
C ASP A 200 11.94 21.86 -21.52
N LYS A 201 11.37 21.21 -22.54
CA LYS A 201 11.22 21.79 -23.87
C LYS A 201 10.28 22.99 -23.92
N ASN A 202 9.36 23.12 -22.97
CA ASN A 202 8.49 24.27 -22.90
C ASN A 202 8.94 25.26 -21.84
N TRP A 203 10.18 25.12 -21.38
CA TRP A 203 10.74 25.84 -20.23
C TRP A 203 9.86 25.68 -18.99
N THR A 204 9.76 24.44 -18.53
CA THR A 204 9.14 24.12 -17.26
C THR A 204 10.24 23.64 -16.31
N ALA A 205 10.26 24.22 -15.11
CA ALA A 205 11.34 23.96 -14.17
C ALA A 205 11.25 22.54 -13.61
N LYS A 206 12.41 21.89 -13.53
CA LYS A 206 12.49 20.54 -12.97
C LYS A 206 13.64 20.52 -11.98
N LEU A 207 13.31 20.50 -10.68
CA LEU A 207 14.31 20.41 -9.63
C LEU A 207 14.99 19.04 -9.65
N SER A 208 16.13 18.96 -8.98
CA SER A 208 16.96 17.77 -9.08
C SER A 208 17.88 17.70 -7.88
N ASP A 209 18.76 16.69 -7.92
CA ASP A 209 19.93 16.37 -7.08
C ASP A 209 19.77 16.79 -5.62
N LEU A 210 18.69 16.33 -5.01
CA LEU A 210 18.37 16.58 -3.61
C LEU A 210 19.07 15.60 -2.68
N SER A 211 20.37 15.45 -2.88
CA SER A 211 21.15 14.50 -2.09
C SER A 211 21.46 15.02 -0.71
N PHE A 212 21.44 16.34 -0.53
CA PHE A 212 21.67 16.93 0.78
C PHE A 212 20.53 16.54 1.70
N SER A 213 19.33 17.08 1.45
CA SER A 213 18.04 16.64 2.00
C SER A 213 17.98 16.59 3.54
N ILE A 214 18.96 17.14 4.24
CA ILE A 214 19.09 17.02 5.68
C ILE A 214 19.64 18.33 6.21
N THR A 242 23.70 27.13 15.73
CA THR A 242 22.50 26.39 15.37
C THR A 242 22.81 24.93 15.04
N CYS A 243 23.34 24.74 13.82
CA CYS A 243 23.62 23.42 13.22
C CYS A 243 22.36 22.55 13.20
N PHE A 244 21.23 23.18 12.89
CA PHE A 244 19.99 22.47 12.63
C PHE A 244 19.24 23.22 11.54
N VAL A 245 18.61 22.48 10.64
CA VAL A 245 17.86 23.05 9.53
C VAL A 245 16.38 22.86 9.79
N THR A 246 15.61 23.89 9.47
CA THR A 246 14.18 23.91 9.69
C THR A 246 13.47 24.08 8.34
N GLU A 247 12.16 24.33 8.41
CA GLU A 247 11.40 24.56 7.19
C GLU A 247 11.73 25.92 6.58
N TYR A 248 12.02 26.92 7.41
CA TYR A 248 12.18 28.29 6.93
C TYR A 248 13.51 28.54 6.24
N THR A 249 14.53 27.72 6.50
CA THR A 249 15.80 27.91 5.81
C THR A 249 15.75 27.46 4.36
N ASP A 250 14.66 26.83 3.94
CA ASP A 250 14.40 26.59 2.54
C ASP A 250 13.81 27.85 1.89
N VAL A 251 13.01 28.58 2.66
CA VAL A 251 12.43 29.85 2.20
C VAL A 251 13.51 30.93 2.08
N TYR A 252 14.45 30.94 3.02
CA TYR A 252 15.58 31.88 2.96
C TYR A 252 16.46 31.64 1.73
N SER A 253 16.50 30.40 1.25
CA SER A 253 17.23 30.13 0.02
C SER A 253 16.40 30.50 -1.20
N PHE A 254 15.10 30.22 -1.17
CA PHE A 254 14.25 30.48 -2.32
C PHE A 254 14.10 31.96 -2.60
N GLY A 255 14.20 32.81 -1.58
CA GLY A 255 14.15 34.24 -1.83
C GLY A 255 15.31 34.74 -2.68
N ILE A 256 16.51 34.27 -2.36
CA ILE A 256 17.68 34.64 -3.14
C ILE A 256 17.63 33.99 -4.52
N CYS A 257 17.09 32.77 -4.61
CA CYS A 257 16.93 32.13 -5.91
C CYS A 257 15.87 32.82 -6.76
N LEU A 258 14.93 33.49 -6.13
CA LEU A 258 13.93 34.22 -6.87
C LEU A 258 14.42 35.59 -7.30
N LEU A 259 15.33 36.21 -6.53
CA LEU A 259 15.84 37.50 -6.99
C LEU A 259 17.01 37.34 -7.97
N VAL A 260 17.69 36.20 -7.98
CA VAL A 260 18.81 36.05 -8.90
C VAL A 260 18.31 35.88 -10.35
N ILE A 261 17.11 35.31 -10.52
CA ILE A 261 16.54 35.18 -11.86
C ILE A 261 16.13 36.55 -12.39
N ILE A 262 15.59 37.39 -11.51
CA ILE A 262 15.08 38.68 -11.94
C ILE A 262 16.22 39.65 -12.19
N THR A 263 17.22 39.68 -11.30
CA THR A 263 18.33 40.60 -11.52
C THR A 263 19.30 40.06 -12.57
N GLY A 264 19.57 38.77 -12.55
CA GLY A 264 20.59 38.24 -13.44
C GLY A 264 22.00 38.46 -12.96
N LYS A 265 22.19 38.95 -11.74
CA LYS A 265 23.51 39.10 -11.17
C LYS A 265 23.72 38.03 -10.12
N PRO A 266 24.93 37.46 -10.01
CA PRO A 266 25.09 36.17 -9.32
C PRO A 266 24.95 36.28 -7.81
N ALA A 267 24.96 35.10 -7.17
CA ALA A 267 24.75 35.00 -5.73
C ALA A 267 25.93 35.53 -4.93
N ILE A 268 27.12 35.61 -5.53
CA ILE A 268 28.21 36.38 -4.95
C ILE A 268 28.46 37.61 -5.80
N MET A 269 27.77 38.70 -5.44
CA MET A 269 27.72 39.91 -6.23
C MET A 269 28.72 40.90 -5.67
N THR A 270 29.84 41.10 -6.38
CA THR A 270 30.80 42.12 -6.00
C THR A 270 31.54 42.57 -7.25
N ILE A 271 31.60 43.89 -7.47
CA ILE A 271 32.37 44.42 -8.59
C ILE A 271 33.60 45.13 -8.05
N SER A 272 34.72 44.38 -7.94
CA SER A 272 36.05 44.88 -7.57
C SER A 272 36.06 45.56 -6.19
N ASP A 273 35.28 45.01 -5.25
CA ASP A 273 35.17 45.55 -3.90
C ASP A 273 35.43 44.46 -2.87
N GLY A 274 36.51 43.70 -3.07
CA GLY A 274 36.87 42.63 -2.17
C GLY A 274 36.34 41.26 -2.54
N ASP A 275 35.66 41.14 -3.70
CA ASP A 275 35.17 39.92 -4.35
C ASP A 275 34.06 39.21 -3.59
N LEU A 276 33.66 39.67 -2.41
CA LEU A 276 32.61 39.03 -1.61
C LEU A 276 31.84 40.10 -0.86
N GLN A 277 30.63 40.41 -1.34
CA GLN A 277 29.63 41.11 -0.55
C GLN A 277 28.26 40.62 -0.99
N GLY A 278 27.28 40.81 -0.11
CA GLY A 278 25.99 40.17 -0.30
C GLY A 278 25.19 40.83 -1.40
N ILE A 279 24.55 40.00 -2.22
CA ILE A 279 23.62 40.50 -3.22
C ILE A 279 22.36 41.05 -2.55
N LEU A 280 21.91 40.41 -1.46
CA LEU A 280 20.64 40.70 -0.82
C LEU A 280 20.60 42.09 -0.18
N SER A 281 21.65 42.45 0.56
CA SER A 281 21.71 43.79 1.15
C SER A 281 21.84 44.86 0.08
N LEU A 282 22.55 44.54 -1.01
CA LEU A 282 22.66 45.48 -2.12
C LEU A 282 21.32 45.71 -2.78
N VAL A 283 20.49 44.66 -2.89
CA VAL A 283 19.14 44.85 -3.42
C VAL A 283 18.27 45.59 -2.42
N ARG A 284 18.55 45.45 -1.12
CA ARG A 284 17.86 46.27 -0.12
C ARG A 284 18.18 47.75 -0.28
N GLU A 285 19.46 48.10 -0.48
CA GLU A 285 19.80 49.50 -0.67
C GLU A 285 19.30 50.02 -2.02
N LEU A 286 19.25 49.15 -3.03
CA LEU A 286 18.67 49.56 -4.30
C LEU A 286 17.17 49.82 -4.17
N CYS A 287 16.48 49.03 -3.35
CA CYS A 287 15.06 49.29 -3.13
C CYS A 287 14.86 50.52 -2.27
N GLU A 288 15.81 50.83 -1.38
CA GLU A 288 15.64 51.96 -0.50
C GLU A 288 16.02 53.27 -1.17
N ASN A 289 17.00 53.26 -2.07
CA ASN A 289 17.50 54.47 -2.71
C ASN A 289 17.26 54.47 -4.21
N GLY A 290 17.72 53.44 -4.93
CA GLY A 290 17.66 53.45 -6.38
C GLY A 290 16.25 53.27 -6.91
N LYS A 291 15.39 52.60 -6.14
CA LYS A 291 13.94 52.56 -6.33
C LYS A 291 13.55 51.98 -7.70
N LEU A 292 13.82 50.67 -7.83
CA LEU A 292 13.29 49.80 -8.88
C LEU A 292 13.71 50.26 -10.28
N ASP A 293 15.00 50.55 -10.44
CA ASP A 293 15.53 50.98 -11.72
C ASP A 293 16.68 50.07 -12.16
N GLU A 294 17.48 49.61 -11.21
CA GLU A 294 18.60 48.73 -11.50
C GLU A 294 18.26 47.26 -11.32
N VAL A 295 17.02 46.96 -10.91
CA VAL A 295 16.68 45.60 -10.52
C VAL A 295 16.53 44.68 -11.74
N ILE A 296 16.15 45.22 -12.89
CA ILE A 296 16.04 44.40 -14.10
C ILE A 296 17.32 44.53 -14.92
N ASP A 297 17.79 43.42 -15.46
CA ASP A 297 19.01 43.41 -16.25
C ASP A 297 18.80 44.08 -17.60
N PRO A 298 19.88 44.50 -18.28
CA PRO A 298 19.72 44.96 -19.67
C PRO A 298 19.35 43.85 -20.64
N ARG A 299 19.56 42.58 -20.28
CA ARG A 299 19.13 41.49 -21.14
C ARG A 299 17.61 41.41 -21.24
N LEU A 300 16.90 41.90 -20.23
CA LEU A 300 15.44 41.96 -20.26
C LEU A 300 15.03 43.43 -20.15
N MET A 301 15.68 44.28 -20.93
CA MET A 301 15.32 45.69 -20.96
C MET A 301 14.33 45.98 -22.08
N LYS A 302 13.89 44.94 -22.79
CA LYS A 302 13.03 45.09 -23.97
C LYS A 302 11.66 44.46 -23.72
N ASP A 303 11.10 44.71 -22.54
CA ASP A 303 9.70 44.42 -22.24
C ASP A 303 9.17 45.73 -21.65
N ILE A 304 8.77 46.65 -22.52
CA ILE A 304 8.34 47.96 -22.07
C ILE A 304 6.89 48.12 -22.51
N THR A 305 6.15 47.01 -22.57
CA THR A 305 4.72 47.14 -22.81
C THR A 305 4.03 47.54 -21.51
N SER A 306 2.71 47.74 -21.57
CA SER A 306 1.94 48.77 -20.88
C SER A 306 2.45 49.16 -19.49
N GLY A 307 2.18 48.33 -18.48
CA GLY A 307 2.95 48.54 -17.28
C GLY A 307 4.13 47.61 -17.18
N GLN A 308 3.87 46.30 -17.07
CA GLN A 308 4.84 45.20 -17.09
C GLN A 308 5.89 45.21 -15.99
N ARG A 309 5.92 46.25 -15.18
CA ARG A 309 6.89 46.34 -14.11
C ARG A 309 6.18 46.35 -12.77
N LEU A 310 4.85 46.43 -12.79
CA LEU A 310 4.10 46.42 -11.54
C LEU A 310 4.16 45.05 -10.90
N GLN A 311 4.04 44.00 -11.72
CA GLN A 311 4.28 42.65 -11.24
C GLN A 311 5.74 42.40 -10.90
N VAL A 312 6.68 43.12 -11.53
CA VAL A 312 8.08 43.04 -11.13
C VAL A 312 8.26 43.61 -9.74
N GLU A 313 7.59 44.73 -9.44
CA GLU A 313 7.58 45.29 -8.10
C GLU A 313 6.98 44.31 -7.11
N ALA A 314 5.84 43.72 -7.47
CA ALA A 314 5.16 42.79 -6.57
C ALA A 314 5.89 41.48 -6.42
N CYS A 315 6.85 41.19 -7.31
CA CYS A 315 7.67 40.00 -7.18
C CYS A 315 8.94 40.26 -6.37
N VAL A 316 9.56 41.42 -6.56
CA VAL A 316 10.76 41.74 -5.79
C VAL A 316 10.40 42.08 -4.34
N VAL A 317 9.24 42.68 -4.10
CA VAL A 317 8.76 42.91 -2.73
C VAL A 317 8.49 41.58 -2.04
N LEU A 318 7.97 40.61 -2.78
CA LEU A 318 7.80 39.27 -2.23
C LEU A 318 9.14 38.62 -1.92
N ALA A 319 10.14 38.83 -2.79
CA ALA A 319 11.46 38.29 -2.53
C ALA A 319 12.11 38.92 -1.31
N LEU A 320 11.85 40.21 -1.06
CA LEU A 320 12.41 40.84 0.11
C LEU A 320 11.73 40.38 1.39
N ARG A 321 10.40 40.26 1.39
CA ARG A 321 9.72 39.72 2.58
C ARG A 321 10.02 38.24 2.78
N CYS A 322 10.39 37.54 1.72
CA CYS A 322 10.78 36.13 1.78
C CYS A 322 12.10 35.92 2.51
N CYS A 323 12.86 36.98 2.78
CA CYS A 323 14.21 36.91 3.30
C CYS A 323 14.37 37.80 4.53
N LYS A 324 13.46 37.67 5.48
CA LYS A 324 13.59 38.37 6.75
C LYS A 324 14.40 37.56 7.73
N GLU A 325 15.05 38.25 8.66
CA GLU A 325 15.91 37.58 9.63
C GLU A 325 15.09 36.88 10.71
N ARG A 326 13.94 37.43 11.07
CA ARG A 326 13.09 36.83 12.08
C ARG A 326 12.31 35.68 11.47
N ASP A 327 12.47 34.47 12.03
CA ASP A 327 11.84 33.30 11.44
C ASP A 327 10.34 33.25 11.69
N GLU A 328 9.83 34.05 12.63
CA GLU A 328 8.40 34.13 12.88
C GLU A 328 7.72 35.18 12.01
N ASP A 329 8.46 35.83 11.11
CA ASP A 329 7.91 36.86 10.25
C ASP A 329 8.12 36.56 8.77
N ARG A 330 8.57 35.35 8.43
CA ARG A 330 8.71 34.89 7.05
C ARG A 330 7.41 34.24 6.59
N PRO A 331 7.00 34.50 5.34
CA PRO A 331 5.81 33.83 4.82
C PRO A 331 6.08 32.35 4.62
N LYS A 332 5.06 31.54 4.92
CA LYS A 332 5.20 30.11 4.71
C LYS A 332 5.22 29.80 3.23
N MET A 333 5.80 28.65 2.90
CA MET A 333 6.12 28.32 1.53
C MET A 333 4.86 28.06 0.70
N ILE A 334 3.78 27.61 1.36
CA ILE A 334 2.54 27.33 0.67
C ILE A 334 1.85 28.60 0.19
N GLN A 335 2.24 29.76 0.72
CA GLN A 335 1.63 31.02 0.32
C GLN A 335 2.43 31.73 -0.77
N VAL A 336 3.72 31.41 -0.89
CA VAL A 336 4.55 32.02 -1.93
C VAL A 336 4.09 31.61 -3.32
N ALA A 337 3.77 30.32 -3.50
CA ALA A 337 3.28 29.85 -4.80
C ALA A 337 1.92 30.43 -5.13
N LYS A 338 1.05 30.61 -4.13
CA LYS A 338 -0.24 31.22 -4.34
C LYS A 338 -0.10 32.69 -4.74
N GLU A 339 0.81 33.40 -4.08
CA GLU A 339 1.01 34.81 -4.40
C GLU A 339 1.66 35.00 -5.76
N LEU A 340 2.55 34.08 -6.17
CA LEU A 340 3.10 34.20 -7.52
C LEU A 340 2.08 33.83 -8.60
N LYS A 341 1.18 32.88 -8.33
CA LYS A 341 0.09 32.65 -9.26
C LYS A 341 -0.83 33.85 -9.36
N GLN A 342 -1.11 34.51 -8.23
CA GLN A 342 -1.91 35.72 -8.22
C GLN A 342 -1.23 36.84 -8.99
N ILE A 343 0.11 36.92 -8.91
CA ILE A 343 0.86 37.89 -9.70
C ILE A 343 0.77 37.57 -11.18
N GLU A 344 0.90 36.29 -11.55
CA GLU A 344 0.93 35.93 -12.96
C GLU A 344 -0.44 36.07 -13.62
N ALA A 345 -1.51 35.81 -12.88
CA ALA A 345 -2.84 35.96 -13.45
C ALA A 345 -3.36 37.39 -13.38
N SER A 346 -2.54 38.35 -12.97
CA SER A 346 -3.01 39.72 -12.76
C SER A 346 -3.12 40.51 -14.06
N LEU A 347 -2.55 40.02 -15.14
CA LEU A 347 -2.57 40.76 -16.41
C LEU A 347 -3.93 40.57 -17.08
N MET B 1 -12.46 -27.06 13.24
CA MET B 1 -12.36 -26.88 11.79
C MET B 1 -12.32 -28.21 11.07
N VAL B 2 -12.75 -29.26 11.73
CA VAL B 2 -12.76 -30.56 11.06
C VAL B 2 -13.84 -30.60 10.00
N ASP B 3 -14.95 -29.89 10.23
CA ASP B 3 -15.87 -29.61 9.13
C ASP B 3 -15.20 -28.75 8.06
N ALA B 4 -14.34 -27.82 8.47
CA ALA B 4 -13.65 -26.97 7.50
C ALA B 4 -12.57 -27.70 6.72
N VAL B 5 -12.14 -28.87 7.17
CA VAL B 5 -11.21 -29.67 6.36
C VAL B 5 -11.97 -30.68 5.51
N VAL B 6 -13.04 -31.26 6.07
CA VAL B 6 -13.82 -32.24 5.31
C VAL B 6 -14.60 -31.56 4.17
N THR B 7 -15.02 -30.29 4.35
CA THR B 7 -15.66 -29.59 3.24
C THR B 7 -14.68 -29.28 2.11
N VAL B 8 -13.40 -29.10 2.43
CA VAL B 8 -12.41 -28.93 1.38
C VAL B 8 -12.16 -30.25 0.66
N PHE B 9 -12.04 -31.34 1.43
CA PHE B 9 -11.75 -32.63 0.83
C PHE B 9 -12.92 -33.17 0.01
N LEU B 10 -14.16 -32.85 0.39
CA LEU B 10 -15.30 -33.30 -0.39
C LEU B 10 -15.36 -32.64 -1.76
N GLU B 11 -14.94 -31.38 -1.86
CA GLU B 11 -14.95 -30.76 -3.17
C GLU B 11 -13.74 -31.18 -3.99
N LYS B 12 -12.62 -31.48 -3.33
CA LYS B 12 -11.53 -32.08 -4.08
C LYS B 12 -11.83 -33.52 -4.50
N THR B 13 -12.83 -34.17 -3.90
CA THR B 13 -13.31 -35.44 -4.45
C THR B 13 -14.41 -35.24 -5.49
N LEU B 14 -15.18 -34.16 -5.39
CA LEU B 14 -16.15 -33.84 -6.44
C LEU B 14 -15.46 -33.51 -7.75
N ASN B 15 -14.42 -32.69 -7.71
CA ASN B 15 -13.74 -32.27 -8.92
C ASN B 15 -12.75 -33.29 -9.44
N ILE B 16 -12.60 -34.44 -8.78
CA ILE B 16 -11.77 -35.52 -9.29
C ILE B 16 -12.59 -36.79 -9.55
N LEU B 17 -13.80 -36.89 -9.02
CA LEU B 17 -14.69 -37.96 -9.41
C LEU B 17 -15.37 -37.64 -10.73
N GLU B 18 -15.61 -36.35 -11.00
CA GLU B 18 -16.25 -35.91 -12.23
C GLU B 18 -15.26 -35.56 -13.33
N GLU B 19 -13.95 -35.59 -13.02
CA GLU B 19 -12.92 -35.27 -13.99
C GLU B 19 -12.82 -36.35 -15.07
N LYS B 20 -13.04 -37.61 -14.67
CA LYS B 20 -13.12 -38.77 -15.57
C LYS B 20 -11.83 -38.96 -16.36
N GLY B 21 -10.71 -38.68 -15.73
CA GLY B 21 -9.45 -39.20 -16.21
C GLY B 21 -9.18 -40.61 -15.75
N ARG B 22 -10.03 -41.09 -14.85
CA ARG B 22 -9.97 -42.46 -14.33
C ARG B 22 -11.42 -42.93 -14.23
N THR B 23 -11.88 -43.66 -15.26
CA THR B 23 -13.30 -43.99 -15.36
C THR B 23 -13.71 -45.04 -14.35
N VAL B 24 -13.15 -46.25 -14.47
CA VAL B 24 -13.38 -47.33 -13.50
C VAL B 24 -12.01 -47.97 -13.23
N SER B 25 -11.49 -47.77 -12.02
CA SER B 25 -10.24 -48.39 -11.60
C SER B 25 -10.38 -48.78 -10.14
N ASP B 26 -9.24 -49.07 -9.51
CA ASP B 26 -9.21 -49.70 -8.20
C ASP B 26 -9.55 -48.71 -7.08
N TYR B 27 -8.89 -47.56 -7.04
CA TYR B 27 -9.05 -46.66 -5.90
C TYR B 27 -10.13 -45.61 -6.11
N ARG B 28 -11.09 -45.86 -6.99
CA ARG B 28 -12.22 -44.95 -7.18
C ARG B 28 -13.47 -45.41 -6.44
N LYS B 29 -13.74 -46.71 -6.44
CA LYS B 29 -14.82 -47.26 -5.64
C LYS B 29 -14.55 -47.04 -4.16
N GLN B 30 -13.31 -47.16 -3.74
CA GLN B 30 -12.99 -46.90 -2.34
C GLN B 30 -12.88 -45.41 -2.03
N LEU B 31 -13.08 -44.55 -3.01
CA LEU B 31 -13.18 -43.13 -2.73
C LEU B 31 -14.60 -42.64 -2.71
N GLU B 32 -15.49 -43.28 -3.48
CA GLU B 32 -16.89 -42.84 -3.43
C GLU B 32 -17.55 -43.21 -2.11
N ASP B 33 -17.17 -44.33 -1.48
CA ASP B 33 -17.72 -44.60 -0.16
C ASP B 33 -17.06 -43.72 0.90
N LEU B 34 -15.82 -43.30 0.64
CA LEU B 34 -15.18 -42.32 1.52
C LEU B 34 -15.94 -41.01 1.53
N GLN B 35 -16.35 -40.53 0.35
CA GLN B 35 -17.15 -39.30 0.36
C GLN B 35 -18.55 -39.55 0.88
N SER B 36 -19.08 -40.76 0.72
CA SER B 36 -20.43 -41.02 1.26
C SER B 36 -20.41 -41.16 2.76
N GLU B 37 -19.27 -41.48 3.37
CA GLU B 37 -19.17 -41.44 4.81
C GLU B 37 -18.80 -40.08 5.34
N LEU B 38 -18.01 -39.30 4.60
CA LEU B 38 -17.71 -37.95 5.05
C LEU B 38 -18.91 -37.04 4.90
N LYS B 39 -19.82 -37.32 3.97
CA LYS B 39 -21.07 -36.57 3.93
C LYS B 39 -21.99 -36.93 5.08
N TYR B 40 -21.84 -38.11 5.67
CA TYR B 40 -22.61 -38.48 6.84
C TYR B 40 -21.92 -38.08 8.12
N MET B 41 -20.63 -37.75 8.06
CA MET B 41 -19.97 -37.09 9.18
C MET B 41 -20.57 -35.72 9.45
N GLN B 42 -20.86 -34.96 8.39
CA GLN B 42 -21.19 -33.54 8.50
C GLN B 42 -22.56 -33.27 9.10
N SER B 43 -23.37 -34.28 9.38
CA SER B 43 -24.57 -34.06 10.16
C SER B 43 -24.25 -33.84 11.63
N PHE B 44 -23.06 -34.23 12.08
CA PHE B 44 -22.70 -34.05 13.48
C PHE B 44 -21.26 -33.56 13.64
N LEU B 45 -20.73 -32.86 12.66
CA LEU B 45 -19.40 -32.27 12.86
C LEU B 45 -19.45 -30.89 13.47
N LYS B 46 -20.54 -30.14 13.31
CA LYS B 46 -20.60 -28.78 13.87
C LYS B 46 -20.63 -28.80 15.38
N ASP B 47 -21.49 -29.63 15.97
CA ASP B 47 -21.53 -29.79 17.42
C ASP B 47 -20.35 -30.56 17.98
N ALA B 48 -19.48 -31.12 17.13
CA ALA B 48 -18.27 -31.75 17.62
C ALA B 48 -17.27 -30.72 18.13
N GLU B 49 -16.99 -29.67 17.33
CA GLU B 49 -16.11 -28.62 17.83
C GLU B 49 -16.82 -27.71 18.81
N ARG B 50 -18.14 -27.77 18.90
CA ARG B 50 -18.84 -27.17 20.02
C ARG B 50 -18.57 -27.93 21.31
N GLN B 51 -18.18 -29.21 21.21
CA GLN B 51 -17.91 -30.03 22.38
C GLN B 51 -16.50 -30.61 22.37
N LYS B 52 -15.55 -29.97 21.68
CA LYS B 52 -14.15 -30.33 21.86
C LYS B 52 -13.72 -30.12 23.30
N ARG B 53 -14.07 -28.98 23.86
CA ARG B 53 -13.94 -28.76 25.28
C ARG B 53 -14.91 -29.65 26.05
N THR B 54 -14.57 -29.89 27.31
CA THR B 54 -15.23 -30.71 28.34
C THR B 54 -15.17 -32.21 28.05
N ASN B 55 -14.60 -32.65 26.94
CA ASN B 55 -14.46 -34.09 26.66
C ASN B 55 -13.17 -34.30 25.88
N GLU B 56 -12.10 -34.68 26.59
CA GLU B 56 -10.87 -35.03 25.89
C GLU B 56 -11.01 -36.33 25.11
N THR B 57 -11.91 -37.22 25.57
CA THR B 57 -12.23 -38.43 24.82
C THR B 57 -12.96 -38.13 23.53
N LEU B 58 -13.59 -36.97 23.42
CA LEU B 58 -14.03 -36.52 22.11
C LEU B 58 -12.91 -35.80 21.38
N ARG B 59 -12.00 -35.15 22.12
CA ARG B 59 -10.96 -34.33 21.50
C ARG B 59 -9.96 -35.18 20.72
N THR B 60 -9.56 -36.33 21.27
CA THR B 60 -8.60 -37.17 20.55
C THR B 60 -9.22 -37.81 19.32
N LEU B 61 -10.50 -38.18 19.42
CA LEU B 61 -11.19 -38.74 18.26
C LEU B 61 -11.33 -37.72 17.14
N VAL B 62 -11.69 -36.48 17.50
CA VAL B 62 -11.82 -35.44 16.50
C VAL B 62 -10.45 -35.04 15.95
N ALA B 63 -9.41 -35.11 16.78
CA ALA B 63 -8.06 -34.85 16.29
C ALA B 63 -7.57 -35.92 15.32
N ASP B 64 -7.93 -37.18 15.54
CA ASP B 64 -7.55 -38.19 14.55
C ASP B 64 -8.38 -38.12 13.28
N LEU B 65 -9.68 -37.80 13.38
CA LEU B 65 -10.46 -37.58 12.18
C LEU B 65 -9.96 -36.39 11.38
N ARG B 66 -9.44 -35.37 12.07
CA ARG B 66 -8.81 -34.25 11.37
C ARG B 66 -7.52 -34.68 10.70
N GLU B 67 -6.65 -35.38 11.43
CA GLU B 67 -5.31 -35.65 10.93
C GLU B 67 -5.32 -36.72 9.83
N LEU B 68 -6.35 -37.55 9.76
CA LEU B 68 -6.38 -38.51 8.66
C LEU B 68 -6.87 -37.93 7.35
N VAL B 69 -7.56 -36.78 7.37
CA VAL B 69 -7.97 -36.19 6.10
C VAL B 69 -6.77 -35.52 5.41
N TYR B 70 -5.75 -35.14 6.17
CA TYR B 70 -4.53 -34.66 5.54
C TYR B 70 -3.81 -35.78 4.79
N GLU B 71 -3.74 -36.98 5.39
CA GLU B 71 -3.22 -38.12 4.65
C GLU B 71 -4.13 -38.55 3.52
N ALA B 72 -5.42 -38.24 3.60
CA ALA B 72 -6.28 -38.48 2.45
C ALA B 72 -5.94 -37.54 1.30
N GLU B 73 -5.69 -36.26 1.60
CA GLU B 73 -5.38 -35.31 0.53
C GLU B 73 -4.01 -35.57 -0.07
N ASP B 74 -3.03 -35.92 0.76
CA ASP B 74 -1.68 -36.14 0.23
C ASP B 74 -1.56 -37.40 -0.61
N ILE B 75 -2.57 -38.26 -0.63
CA ILE B 75 -2.63 -39.35 -1.60
C ILE B 75 -3.70 -39.13 -2.65
N LEU B 76 -4.58 -38.15 -2.46
CA LEU B 76 -5.48 -37.78 -3.54
C LEU B 76 -4.76 -36.97 -4.61
N VAL B 77 -4.07 -35.91 -4.20
CA VAL B 77 -3.47 -35.04 -5.19
C VAL B 77 -2.18 -35.61 -5.76
N ASP B 78 -1.55 -36.57 -5.08
CA ASP B 78 -0.47 -37.30 -5.74
C ASP B 78 -0.97 -38.27 -6.79
N CYS B 79 -2.21 -38.74 -6.66
CA CYS B 79 -2.77 -39.61 -7.68
C CYS B 79 -3.54 -38.84 -8.72
N GLN B 80 -3.76 -37.54 -8.52
CA GLN B 80 -4.37 -36.74 -9.58
C GLN B 80 -3.42 -36.53 -10.74
N LEU B 81 -2.16 -36.18 -10.45
CA LEU B 81 -1.23 -35.86 -11.52
C LEU B 81 -0.52 -37.09 -12.06
N ALA B 82 -0.78 -38.28 -11.52
CA ALA B 82 0.05 -39.44 -11.84
C ALA B 82 -0.26 -39.97 -13.24
N ASP B 83 -1.46 -40.50 -13.43
CA ASP B 83 -1.87 -41.28 -14.62
C ASP B 83 -0.87 -42.39 -14.93
N GLY B 84 -0.52 -43.15 -13.90
CA GLY B 84 0.34 -44.30 -13.99
C GLY B 84 -0.27 -45.49 -13.27
N ASP B 85 0.60 -46.38 -12.80
CA ASP B 85 0.19 -47.54 -12.02
C ASP B 85 0.91 -47.51 -10.68
N ASP B 86 0.15 -47.28 -9.61
CA ASP B 86 0.67 -47.22 -8.24
C ASP B 86 -0.19 -48.10 -7.34
N GLY B 87 0.19 -49.38 -7.24
CA GLY B 87 -0.50 -50.29 -6.38
C GLY B 87 -0.26 -50.06 -4.90
N ASN B 88 0.73 -49.24 -4.55
CA ASN B 88 1.01 -48.86 -3.18
C ASN B 88 0.23 -47.65 -2.73
N GLU B 89 -0.91 -47.37 -3.37
CA GLU B 89 -1.76 -46.25 -2.99
C GLU B 89 -3.18 -46.65 -2.65
N GLN B 90 -3.69 -47.75 -3.20
CA GLN B 90 -5.03 -48.17 -2.82
C GLN B 90 -5.04 -48.75 -1.41
N ARG B 91 -4.14 -49.67 -1.13
CA ARG B 91 -4.19 -50.39 0.14
C ARG B 91 -3.75 -49.55 1.33
N SER B 92 -3.19 -48.37 1.11
CA SER B 92 -3.05 -47.42 2.21
C SER B 92 -4.39 -46.84 2.59
N SER B 93 -5.09 -46.25 1.61
CA SER B 93 -6.40 -45.68 1.87
C SER B 93 -7.45 -46.72 2.23
N ASN B 94 -7.20 -48.01 1.96
CA ASN B 94 -8.01 -49.07 2.54
C ASN B 94 -7.95 -49.03 4.06
N ALA B 95 -6.75 -48.87 4.61
CA ALA B 95 -6.62 -48.68 6.04
C ALA B 95 -7.17 -47.34 6.48
N TRP B 96 -6.88 -46.28 5.73
CA TRP B 96 -7.29 -44.95 6.19
C TRP B 96 -8.75 -44.65 5.90
N LEU B 97 -9.49 -45.60 5.34
CA LEU B 97 -10.95 -45.62 5.39
C LEU B 97 -11.46 -46.59 6.43
N SER B 98 -10.85 -47.76 6.55
CA SER B 98 -11.33 -48.77 7.49
C SER B 98 -11.03 -48.41 8.93
N ARG B 99 -10.13 -47.46 9.17
CA ARG B 99 -9.85 -47.01 10.53
C ARG B 99 -10.71 -45.79 10.87
N LEU B 100 -11.51 -45.30 9.94
CA LEU B 100 -12.44 -44.23 10.27
C LEU B 100 -13.71 -44.73 10.94
N HIS B 101 -14.02 -46.02 10.84
CA HIS B 101 -15.13 -46.56 11.63
C HIS B 101 -14.84 -46.63 13.13
N PRO B 102 -13.62 -46.96 13.60
CA PRO B 102 -13.31 -46.65 15.01
C PRO B 102 -13.08 -45.17 15.28
N ALA B 103 -13.17 -44.30 14.28
CA ALA B 103 -13.15 -42.86 14.49
C ALA B 103 -14.54 -42.25 14.31
N ARG B 104 -15.59 -43.07 14.18
CA ARG B 104 -16.93 -42.51 14.21
C ARG B 104 -17.84 -43.22 15.22
N VAL B 105 -17.65 -44.53 15.39
CA VAL B 105 -18.48 -45.28 16.33
C VAL B 105 -18.30 -44.83 17.78
N PRO B 106 -17.07 -44.62 18.30
CA PRO B 106 -16.97 -44.02 19.64
C PRO B 106 -17.43 -42.57 19.72
N LEU B 107 -17.60 -41.88 18.59
CA LEU B 107 -18.19 -40.56 18.58
C LEU B 107 -19.71 -40.64 18.53
N GLN B 108 -20.25 -41.61 17.80
CA GLN B 108 -21.69 -41.79 17.77
C GLN B 108 -22.22 -42.38 19.07
N TYR B 109 -21.38 -43.05 19.87
CA TYR B 109 -21.77 -43.35 21.25
C TYR B 109 -21.95 -42.07 22.07
N LYS B 110 -21.20 -41.02 21.72
CA LYS B 110 -21.09 -39.85 22.57
C LYS B 110 -22.06 -38.75 22.19
N LYS B 111 -22.43 -38.60 20.92
CA LYS B 111 -23.49 -37.67 20.59
C LYS B 111 -24.84 -38.21 21.03
N SER B 112 -25.23 -39.36 20.46
CA SER B 112 -26.52 -40.02 20.69
C SER B 112 -27.70 -39.09 20.45
N LYS B 113 -27.57 -38.26 19.41
CA LYS B 113 -28.59 -37.31 18.93
C LYS B 113 -29.08 -36.33 20.01
N ASN B 145 -24.03 -26.27 2.39
CA ASN B 145 -22.73 -26.43 1.76
C ASN B 145 -21.75 -25.40 2.27
N GLY B 146 -20.97 -24.82 1.36
CA GLY B 146 -20.03 -23.79 1.75
C GLY B 146 -20.30 -22.44 1.12
N THR B 147 -21.57 -22.13 0.87
CA THR B 147 -21.94 -20.84 0.32
C THR B 147 -22.71 -20.06 1.37
N ASP B 148 -22.15 -18.96 1.82
CA ASP B 148 -22.78 -18.10 2.81
C ASP B 148 -23.47 -16.95 2.08
N ARG B 149 -24.79 -17.02 2.01
CA ARG B 149 -25.54 -16.06 1.22
C ARG B 149 -25.80 -14.75 1.96
N TRP B 150 -25.15 -14.52 3.10
CA TRP B 150 -25.18 -13.23 3.76
C TRP B 150 -23.85 -12.51 3.64
N SER B 151 -23.09 -12.83 2.60
CA SER B 151 -21.81 -12.22 2.35
C SER B 151 -21.80 -11.36 1.10
N SER B 152 -22.89 -11.32 0.36
CA SER B 152 -22.83 -10.64 -0.93
C SER B 152 -22.95 -9.12 -0.82
N PRO B 153 -23.80 -8.50 0.05
CA PRO B 153 -23.57 -7.08 0.32
C PRO B 153 -22.62 -6.85 1.50
N VAL B 154 -21.59 -6.06 1.28
CA VAL B 154 -20.70 -5.67 2.36
C VAL B 154 -21.30 -4.43 3.03
N TYR B 155 -21.16 -4.32 4.35
CA TYR B 155 -21.89 -3.31 5.11
C TYR B 155 -21.04 -2.19 5.67
N ASP B 156 -19.79 -2.48 6.07
CA ASP B 156 -18.86 -1.52 6.70
C ASP B 156 -19.49 -0.89 7.96
N HIS B 157 -19.64 -1.76 8.97
CA HIS B 157 -20.44 -1.52 10.17
C HIS B 157 -19.96 -0.38 11.06
N THR B 158 -18.93 0.39 10.70
CA THR B 158 -18.34 1.36 11.62
C THR B 158 -19.26 2.56 11.81
N GLN B 159 -20.30 2.36 12.61
CA GLN B 159 -21.03 3.44 13.24
C GLN B 159 -20.51 3.60 14.66
N VAL B 160 -21.01 4.62 15.35
CA VAL B 160 -20.53 4.94 16.69
C VAL B 160 -21.64 5.68 17.42
N VAL B 161 -21.85 5.32 18.68
CA VAL B 161 -22.99 5.82 19.43
C VAL B 161 -22.58 6.10 20.87
N GLY B 162 -23.23 7.09 21.48
CA GLY B 162 -23.16 7.29 22.91
C GLY B 162 -21.86 7.87 23.42
N LEU B 163 -21.20 8.73 22.64
CA LEU B 163 -19.91 9.24 23.04
C LEU B 163 -19.78 10.75 23.04
N GLU B 164 -20.81 11.50 22.61
CA GLU B 164 -20.63 12.90 22.25
C GLU B 164 -20.28 13.79 23.44
N GLY B 165 -20.87 13.53 24.61
CA GLY B 165 -20.54 14.30 25.79
C GLY B 165 -19.16 13.89 26.28
N ASP B 166 -18.91 12.60 26.23
CA ASP B 166 -17.63 12.05 26.65
C ASP B 166 -16.55 12.28 25.60
N LYS B 167 -16.91 12.77 24.42
CA LYS B 167 -15.91 13.24 23.46
C LYS B 167 -15.65 14.72 23.60
N ARG B 168 -16.69 15.52 23.92
CA ARG B 168 -16.47 16.95 24.15
C ARG B 168 -15.69 17.21 25.43
N LYS B 169 -15.96 16.45 26.49
CA LYS B 169 -15.30 16.73 27.77
C LYS B 169 -13.84 16.33 27.79
N ILE B 170 -13.33 15.71 26.73
CA ILE B 170 -11.89 15.57 26.56
C ILE B 170 -11.40 16.19 25.26
N LYS B 171 -12.28 16.76 24.44
CA LYS B 171 -11.84 17.85 23.57
C LYS B 171 -11.33 19.00 24.39
N GLU B 172 -12.14 19.42 25.37
CA GLU B 172 -11.93 20.69 26.05
C GLU B 172 -10.67 20.67 26.91
N TRP B 173 -10.19 19.48 27.26
CA TRP B 173 -8.87 19.40 27.90
C TRP B 173 -7.77 19.70 26.90
N LEU B 174 -7.89 19.20 25.67
CA LEU B 174 -6.86 19.47 24.68
C LEU B 174 -6.90 20.88 24.15
N PHE B 175 -8.05 21.56 24.23
CA PHE B 175 -8.05 22.99 23.93
C PHE B 175 -7.42 23.81 25.05
N ARG B 176 -7.18 23.21 26.22
CA ARG B 176 -6.47 23.86 27.32
C ARG B 176 -5.07 23.28 27.51
N SER B 177 -4.40 22.90 26.43
CA SER B 177 -3.11 22.25 26.54
C SER B 177 -1.99 23.21 26.91
N ASN B 178 -2.19 24.51 26.70
CA ASN B 178 -1.15 25.48 27.04
C ASN B 178 -1.05 25.74 28.52
N ASP B 179 -2.06 25.38 29.31
CA ASP B 179 -2.10 25.76 30.72
C ASP B 179 -1.11 24.97 31.56
N SER B 180 -0.62 23.84 31.06
CA SER B 180 0.49 23.13 31.67
C SER B 180 1.69 23.18 30.74
N GLN B 181 2.82 22.70 31.24
CA GLN B 181 4.01 22.61 30.40
C GLN B 181 3.89 21.47 29.39
N LEU B 182 3.36 20.33 29.82
CA LEU B 182 3.09 19.22 28.94
C LEU B 182 1.91 18.45 29.50
N LEU B 183 1.02 18.02 28.62
CA LEU B 183 -0.23 17.37 29.00
C LEU B 183 -0.16 15.89 28.66
N ILE B 184 -0.66 15.04 29.54
CA ILE B 184 -0.72 13.61 29.28
C ILE B 184 -2.14 13.10 29.53
N MET B 185 -2.70 12.45 28.52
CA MET B 185 -4.02 11.84 28.59
C MET B 185 -3.85 10.36 28.85
N ALA B 186 -4.45 9.88 29.93
CA ALA B 186 -4.36 8.47 30.30
C ALA B 186 -5.74 7.85 30.26
N PHE B 187 -5.92 6.88 29.38
CA PHE B 187 -7.17 6.14 29.27
C PHE B 187 -6.96 4.75 29.86
N VAL B 188 -7.74 4.43 30.89
CA VAL B 188 -7.66 3.15 31.58
C VAL B 188 -9.02 2.50 31.56
N GLY B 189 -9.10 1.31 30.96
CA GLY B 189 -10.34 0.56 30.92
C GLY B 189 -10.01 -0.90 30.75
N MET B 190 -11.06 -1.72 30.66
CA MET B 190 -10.85 -3.14 30.46
C MET B 190 -10.64 -3.43 28.97
N GLY B 191 -10.54 -4.71 28.63
CA GLY B 191 -10.24 -5.10 27.27
C GLY B 191 -11.43 -4.86 26.35
N GLY B 192 -11.25 -4.03 25.34
CA GLY B 192 -12.31 -3.75 24.38
C GLY B 192 -13.45 -2.93 24.94
N LEU B 193 -13.16 -1.99 25.81
CA LEU B 193 -14.19 -1.13 26.37
C LEU B 193 -14.49 0.07 25.47
N GLY B 194 -13.71 0.27 24.43
CA GLY B 194 -13.90 1.44 23.60
C GLY B 194 -12.88 2.52 23.91
N LYS B 195 -11.60 2.16 23.96
CA LYS B 195 -10.56 3.16 24.20
C LYS B 195 -10.03 3.74 22.89
N THR B 196 -9.64 2.88 21.96
CA THR B 196 -9.10 3.34 20.69
C THR B 196 -10.14 4.05 19.84
N THR B 197 -11.42 3.75 20.04
CA THR B 197 -12.46 4.45 19.29
C THR B 197 -12.59 5.89 19.76
N ILE B 198 -12.60 6.12 21.08
CA ILE B 198 -12.67 7.49 21.55
C ILE B 198 -11.32 8.19 21.37
N ALA B 199 -10.24 7.43 21.15
CA ALA B 199 -9.01 8.05 20.70
C ALA B 199 -9.14 8.56 19.26
N GLN B 200 -9.61 7.70 18.36
CA GLN B 200 -9.70 8.03 16.94
C GLN B 200 -10.91 8.89 16.57
N GLU B 201 -11.65 9.39 17.55
CA GLU B 201 -12.63 10.41 17.24
C GLU B 201 -12.22 11.79 17.74
N VAL B 202 -11.12 11.86 18.48
CA VAL B 202 -10.55 13.11 18.94
C VAL B 202 -9.25 13.43 18.21
N PHE B 203 -8.46 12.39 17.97
CA PHE B 203 -7.27 12.48 17.13
C PHE B 203 -7.62 12.85 15.68
N ASN B 204 -8.85 12.53 15.25
CA ASN B 204 -9.24 12.69 13.86
C ASN B 204 -10.45 13.62 13.77
N ASP B 205 -10.38 14.75 14.45
CA ASP B 205 -11.44 15.75 14.40
C ASP B 205 -10.88 17.04 13.78
N LYS B 206 -11.78 17.81 13.15
CA LYS B 206 -11.35 18.95 12.34
C LYS B 206 -10.82 20.09 13.21
N GLU B 207 -11.63 20.56 14.16
CA GLU B 207 -11.23 21.71 14.97
C GLU B 207 -10.14 21.37 15.98
N ILE B 208 -9.84 20.09 16.17
CA ILE B 208 -8.65 19.71 16.91
C ILE B 208 -7.45 19.63 15.99
N GLU B 209 -7.67 19.33 14.71
CA GLU B 209 -6.60 19.34 13.73
C GLU B 209 -6.09 20.76 13.46
N HIS B 210 -6.94 21.77 13.60
CA HIS B 210 -6.48 23.14 13.43
C HIS B 210 -5.56 23.58 14.57
N ARG B 211 -5.77 23.06 15.77
CA ARG B 211 -4.98 23.51 16.91
C ARG B 211 -3.59 22.89 16.90
N PHE B 212 -3.50 21.60 16.59
CA PHE B 212 -2.23 20.88 16.62
C PHE B 212 -1.68 20.80 15.21
N GLU B 213 -0.41 21.19 15.05
CA GLU B 213 0.20 21.19 13.73
C GLU B 213 0.43 19.75 13.25
N ARG B 214 1.23 19.00 13.99
CA ARG B 214 1.49 17.60 13.67
C ARG B 214 0.88 16.70 14.72
N ARG B 215 0.56 15.47 14.32
CA ARG B 215 0.00 14.51 15.24
C ARG B 215 0.48 13.11 14.88
N ILE B 216 0.79 12.33 15.91
CA ILE B 216 1.58 11.10 15.77
C ILE B 216 0.81 9.95 16.42
N TRP B 217 0.48 8.93 15.64
CA TRP B 217 -0.29 7.76 16.08
C TRP B 217 0.64 6.55 16.03
N VAL B 218 1.11 6.11 17.18
CA VAL B 218 2.01 4.96 17.26
C VAL B 218 1.38 3.90 18.16
N SER B 219 1.58 2.63 17.81
CA SER B 219 1.10 1.51 18.59
C SER B 219 2.30 0.80 19.18
N VAL B 220 2.39 0.78 20.51
CA VAL B 220 3.48 0.09 21.20
C VAL B 220 2.89 -1.01 22.06
N SER B 221 3.36 -2.23 21.83
CA SER B 221 2.92 -3.40 22.58
C SER B 221 4.16 -4.11 23.12
N GLN B 222 3.97 -5.34 23.59
CA GLN B 222 5.08 -6.09 24.20
C GLN B 222 6.14 -6.50 23.18
N THR B 223 5.82 -6.49 21.89
CA THR B 223 6.82 -6.68 20.84
C THR B 223 7.07 -5.31 20.22
N PHE B 224 8.09 -4.62 20.71
CA PHE B 224 8.28 -3.20 20.38
C PHE B 224 9.69 -2.87 19.93
N THR B 225 10.71 -3.50 20.51
CA THR B 225 12.15 -3.45 20.19
C THR B 225 12.76 -2.06 20.44
N GLU B 226 11.98 -1.06 20.86
CA GLU B 226 12.37 0.20 21.46
C GLU B 226 13.07 1.15 20.46
N GLU B 227 13.32 0.70 19.23
CA GLU B 227 13.84 1.58 18.18
C GLU B 227 12.77 1.97 17.17
N GLN B 228 11.98 1.01 16.67
CA GLN B 228 10.93 1.37 15.74
C GLN B 228 9.70 1.94 16.44
N ILE B 229 9.69 2.06 17.76
CA ILE B 229 8.85 3.06 18.40
C ILE B 229 9.23 4.44 17.89
N MET B 230 10.52 4.77 18.02
CA MET B 230 11.02 6.04 17.53
C MET B 230 10.95 6.15 16.03
N ARG B 231 11.17 5.05 15.30
CA ARG B 231 11.07 5.14 13.85
C ARG B 231 9.61 5.22 13.41
N SER B 232 8.70 4.61 14.16
CA SER B 232 7.30 4.74 13.82
C SER B 232 6.75 6.12 14.18
N ILE B 233 7.36 6.79 15.14
CA ILE B 233 7.07 8.20 15.37
C ILE B 233 7.64 9.05 14.25
N LEU B 234 8.91 8.81 13.90
CA LEU B 234 9.64 9.61 12.92
C LEU B 234 9.20 9.34 11.49
N ARG B 235 8.45 8.26 11.26
CA ARG B 235 7.95 7.93 9.93
C ARG B 235 6.96 8.96 9.43
N ASN B 236 6.24 9.61 10.35
CA ASN B 236 5.40 10.76 10.02
C ASN B 236 6.07 12.09 10.39
N LEU B 237 7.40 12.10 10.52
CA LEU B 237 8.12 13.34 10.79
C LEU B 237 9.29 13.63 9.86
N GLY B 238 9.63 12.75 8.92
CA GLY B 238 10.44 13.22 7.82
C GLY B 238 11.52 12.37 7.21
N ASP B 239 12.25 11.58 7.99
CA ASP B 239 13.46 10.94 7.48
C ASP B 239 13.57 9.52 7.99
N ALA B 240 14.45 8.75 7.35
CA ALA B 240 14.70 7.38 7.76
C ALA B 240 15.57 7.34 9.01
N SER B 241 15.43 6.24 9.77
CA SER B 241 16.27 6.02 10.94
C SER B 241 17.36 5.04 10.52
N VAL B 242 18.57 5.57 10.31
CA VAL B 242 19.72 4.69 10.18
C VAL B 242 19.99 4.04 11.53
N GLY B 243 20.47 2.81 11.51
CA GLY B 243 20.79 2.13 12.74
C GLY B 243 22.00 2.73 13.42
N ASP B 244 21.78 3.48 14.49
CA ASP B 244 22.86 4.14 15.22
C ASP B 244 22.38 4.45 16.64
N ASP B 245 23.11 5.34 17.30
CA ASP B 245 22.90 5.62 18.72
C ASP B 245 21.59 6.37 18.95
N ILE B 246 21.20 6.44 20.22
CA ILE B 246 19.92 7.01 20.60
C ILE B 246 19.94 8.53 20.48
N GLY B 247 21.12 9.15 20.51
CA GLY B 247 21.20 10.61 20.42
C GLY B 247 20.81 11.15 19.05
N THR B 248 21.28 10.51 17.98
CA THR B 248 20.86 10.87 16.64
C THR B 248 19.41 10.49 16.39
N LEU B 249 18.90 9.48 17.11
CA LEU B 249 17.47 9.20 17.09
C LEU B 249 16.67 10.35 17.69
N LEU B 250 17.15 10.91 18.80
CA LEU B 250 16.44 12.01 19.45
C LEU B 250 16.63 13.34 18.74
N ARG B 251 17.70 13.51 17.97
CA ARG B 251 17.97 14.80 17.34
C ARG B 251 16.94 15.14 16.27
N LYS B 252 16.56 14.17 15.43
CA LYS B 252 15.55 14.45 14.43
C LYS B 252 14.17 14.62 15.04
N ILE B 253 13.88 13.93 16.15
CA ILE B 253 12.62 14.14 16.85
C ILE B 253 12.57 15.54 17.45
N GLN B 254 13.69 16.00 18.00
CA GLN B 254 13.70 17.33 18.59
C GLN B 254 13.70 18.44 17.53
N GLN B 255 14.27 18.20 16.36
CA GLN B 255 14.30 19.27 15.36
C GLN B 255 13.10 19.24 14.43
N TYR B 256 12.39 18.13 14.31
CA TYR B 256 11.13 18.16 13.59
C TYR B 256 9.95 18.47 14.50
N LEU B 257 10.18 18.63 15.79
CA LEU B 257 9.18 19.07 16.75
C LEU B 257 9.75 20.17 17.63
N LEU B 258 10.46 21.13 17.02
CA LEU B 258 11.09 22.21 17.76
C LEU B 258 10.04 23.26 18.08
N GLY B 259 9.39 23.10 19.24
CA GLY B 259 8.46 24.08 19.73
C GLY B 259 7.15 24.16 18.98
N LYS B 260 6.87 23.24 18.08
CA LYS B 260 5.56 23.23 17.43
C LYS B 260 4.56 22.53 18.32
N ARG B 261 3.28 22.72 18.02
CA ARG B 261 2.21 22.18 18.86
C ARG B 261 1.85 20.81 18.30
N TYR B 262 2.49 19.79 18.86
CA TYR B 262 2.36 18.43 18.35
C TYR B 262 1.30 17.65 19.10
N LEU B 263 1.15 16.38 18.73
CA LEU B 263 0.26 15.45 19.42
C LEU B 263 0.84 14.05 19.25
N ILE B 264 0.92 13.30 20.34
CA ILE B 264 1.48 11.95 20.31
C ILE B 264 0.48 11.00 20.96
N VAL B 265 0.06 9.98 20.23
CA VAL B 265 -0.77 8.93 20.78
C VAL B 265 0.04 7.64 20.75
N MET B 266 0.43 7.15 21.93
CA MET B 266 1.03 5.83 22.07
C MET B 266 -0.01 4.92 22.70
N ASP B 267 -0.22 3.77 22.09
CA ASP B 267 -1.44 2.99 22.28
C ASP B 267 -1.12 1.62 22.85
N ASP B 268 -1.95 1.19 23.81
CA ASP B 268 -1.92 -0.15 24.41
C ASP B 268 -0.57 -0.43 25.09
N VAL B 269 -0.17 0.49 25.97
CA VAL B 269 1.14 0.43 26.62
C VAL B 269 1.13 -0.65 27.70
N TRP B 270 2.11 -1.54 27.65
CA TRP B 270 2.27 -2.59 28.64
C TRP B 270 3.44 -2.28 29.56
N ASP B 271 3.28 -2.64 30.84
CA ASP B 271 4.21 -2.22 31.89
C ASP B 271 5.52 -2.98 31.91
N LYS B 272 5.61 -4.12 31.24
CA LYS B 272 6.89 -4.81 31.17
C LYS B 272 7.77 -4.12 30.14
N ASN B 273 9.01 -3.83 30.56
CA ASN B 273 9.96 -2.98 29.84
C ASN B 273 9.32 -1.64 29.49
N LEU B 274 8.68 -1.04 30.50
CA LEU B 274 8.07 0.27 30.40
C LEU B 274 9.11 1.38 30.33
N SER B 275 10.35 1.10 30.75
CA SER B 275 11.36 2.12 31.04
C SER B 275 11.83 2.95 29.85
N TRP B 276 11.34 2.66 28.64
CA TRP B 276 11.58 3.53 27.49
C TRP B 276 10.77 4.82 27.57
N TRP B 277 9.67 4.80 28.34
CA TRP B 277 8.80 5.97 28.45
C TRP B 277 9.50 7.12 29.18
N ASP B 278 10.41 6.79 30.09
CA ASP B 278 11.22 7.82 30.74
C ASP B 278 12.47 8.16 29.94
N LYS B 279 12.90 7.29 29.03
CA LYS B 279 13.97 7.63 28.12
C LYS B 279 13.50 8.54 26.99
N ILE B 280 12.19 8.57 26.74
CA ILE B 280 11.64 9.52 25.78
C ILE B 280 11.00 10.74 26.45
N TYR B 281 10.42 10.60 27.66
CA TYR B 281 9.73 11.70 28.29
C TYR B 281 10.67 12.79 28.79
N GLN B 282 11.93 12.46 29.05
CA GLN B 282 12.93 13.47 29.37
C GLN B 282 13.67 13.96 28.13
N GLY B 283 13.10 13.77 26.94
CA GLY B 283 13.73 14.20 25.72
C GLY B 283 12.85 15.04 24.82
N LEU B 284 11.53 14.97 25.03
CA LEU B 284 10.76 15.82 24.13
C LEU B 284 10.40 17.14 24.80
N PRO B 285 10.43 18.25 24.06
CA PRO B 285 10.43 19.57 24.71
C PRO B 285 9.09 19.95 25.31
N ARG B 286 9.14 20.48 26.52
CA ARG B 286 7.98 21.06 27.19
C ARG B 286 7.88 22.54 26.87
N GLY B 287 6.69 23.09 27.09
CA GLY B 287 6.49 24.51 26.96
C GLY B 287 6.08 25.00 25.60
N GLN B 288 5.38 24.18 24.83
CA GLN B 288 4.82 24.65 23.57
C GLN B 288 3.41 24.12 23.32
N GLY B 289 2.71 23.71 24.37
CA GLY B 289 1.38 23.15 24.21
C GLY B 289 1.42 21.65 23.98
N GLY B 290 0.47 21.13 23.20
CA GLY B 290 0.45 19.74 22.85
C GLY B 290 0.02 18.84 23.99
N SER B 291 -0.17 17.56 23.66
CA SER B 291 -0.54 16.58 24.67
C SER B 291 -0.13 15.19 24.20
N VAL B 292 -0.14 14.26 25.15
CA VAL B 292 0.25 12.87 24.94
C VAL B 292 -0.91 11.97 25.37
N ILE B 293 -1.31 11.05 24.51
CA ILE B 293 -2.42 10.14 24.79
C ILE B 293 -1.88 8.74 24.98
N VAL B 294 -2.03 8.20 26.19
CA VAL B 294 -1.52 6.88 26.56
C VAL B 294 -2.71 6.03 26.97
N THR B 295 -3.04 5.03 26.17
CA THR B 295 -4.11 4.10 26.52
C THR B 295 -3.50 2.81 27.07
N THR B 296 -4.10 2.28 28.13
CA THR B 296 -3.58 1.10 28.79
C THR B 296 -4.70 0.41 29.54
N ARG B 297 -4.51 -0.87 29.82
CA ARG B 297 -5.56 -1.66 30.46
C ARG B 297 -5.52 -1.56 31.97
N SER B 298 -4.40 -1.91 32.58
CA SER B 298 -4.33 -2.10 34.02
C SER B 298 -4.34 -0.76 34.75
N GLU B 299 -5.01 -0.75 35.91
CA GLU B 299 -5.14 0.47 36.70
C GLU B 299 -3.84 0.87 37.38
N SER B 300 -3.06 -0.12 37.83
CA SER B 300 -1.87 0.13 38.64
C SER B 300 -0.75 0.83 37.86
N VAL B 301 -0.86 0.95 36.54
CA VAL B 301 0.16 1.67 35.79
C VAL B 301 -0.22 3.12 35.54
N ALA B 302 -1.47 3.51 35.81
CA ALA B 302 -1.89 4.89 35.55
C ALA B 302 -1.24 5.87 36.52
N LYS B 303 -0.87 5.41 37.72
CA LYS B 303 -0.13 6.26 38.63
C LYS B 303 1.31 6.45 38.15
N ARG B 304 1.88 5.40 37.55
CA ARG B 304 3.19 5.50 36.92
C ARG B 304 3.14 6.36 35.65
N VAL B 305 1.96 6.50 35.05
CA VAL B 305 1.76 7.48 33.99
C VAL B 305 1.86 8.91 34.53
N GLN B 306 1.64 9.10 35.84
CA GLN B 306 1.70 10.37 36.61
C GLN B 306 0.87 11.47 35.92
N ALA B 307 -0.42 11.15 35.75
CA ALA B 307 -1.29 11.95 34.89
C ALA B 307 -2.36 12.74 35.64
N ARG B 308 -2.28 12.81 36.98
CA ARG B 308 -3.11 13.68 37.81
C ARG B 308 -4.61 13.37 37.66
N ASP B 309 -5.07 12.32 38.34
CA ASP B 309 -6.23 11.46 38.07
C ASP B 309 -7.51 12.10 37.53
N ASP B 310 -7.74 13.39 37.80
CA ASP B 310 -8.87 14.09 37.17
C ASP B 310 -8.73 14.17 35.65
N LYS B 311 -7.51 14.15 35.13
CA LYS B 311 -7.29 14.08 33.69
C LYS B 311 -7.01 12.67 33.19
N THR B 312 -7.05 11.67 34.07
CA THR B 312 -7.21 10.30 33.60
C THR B 312 -8.68 10.06 33.30
N HIS B 313 -8.94 9.21 32.33
CA HIS B 313 -10.28 9.07 31.79
C HIS B 313 -10.63 7.60 31.67
N ARG B 314 -11.60 7.15 32.47
CA ARG B 314 -12.10 5.79 32.36
C ARG B 314 -13.38 5.81 31.55
N PRO B 315 -13.41 5.24 30.35
CA PRO B 315 -14.64 5.21 29.59
C PRO B 315 -15.67 4.29 30.23
N GLU B 316 -16.91 4.43 29.79
CA GLU B 316 -18.05 3.84 30.47
C GLU B 316 -18.55 2.61 29.73
N LEU B 317 -19.19 1.71 30.48
CA LEU B 317 -20.01 0.69 29.87
C LEU B 317 -21.24 1.34 29.24
N LEU B 318 -21.78 0.70 28.22
CA LEU B 318 -22.91 1.30 27.52
C LEU B 318 -24.18 1.17 28.33
N SER B 319 -25.10 2.10 28.10
CA SER B 319 -26.40 2.08 28.73
C SER B 319 -27.23 0.92 28.19
N PRO B 320 -28.27 0.50 28.90
CA PRO B 320 -29.16 -0.53 28.34
C PRO B 320 -30.05 -0.07 27.20
N ASP B 321 -29.96 1.18 26.75
CA ASP B 321 -30.66 1.63 25.55
C ASP B 321 -29.73 1.82 24.36
N ASN B 322 -28.55 2.40 24.59
CA ASN B 322 -27.59 2.58 23.50
C ASN B 322 -27.01 1.26 23.04
N SER B 323 -26.92 0.28 23.95
CA SER B 323 -26.37 -1.02 23.58
C SER B 323 -27.30 -1.74 22.61
N TRP B 324 -28.60 -1.72 22.89
CA TRP B 324 -29.54 -2.29 21.96
C TRP B 324 -29.65 -1.47 20.69
N LEU B 325 -29.33 -0.17 20.75
CA LEU B 325 -29.29 0.63 19.54
C LEU B 325 -28.14 0.23 18.64
N LEU B 326 -26.96 -0.02 19.23
CA LEU B 326 -25.83 -0.53 18.45
C LEU B 326 -26.11 -1.92 17.93
N PHE B 327 -26.82 -2.73 18.71
CA PHE B 327 -27.20 -4.07 18.28
C PHE B 327 -28.17 -4.01 17.10
N CYS B 328 -29.13 -3.08 17.13
CA CYS B 328 -30.01 -2.91 15.99
C CYS B 328 -29.25 -2.40 14.78
N ASN B 329 -28.28 -1.52 15.01
CA ASN B 329 -27.54 -0.90 13.92
C ASN B 329 -26.63 -1.91 13.22
N VAL B 330 -26.13 -2.90 13.94
CA VAL B 330 -25.33 -3.93 13.29
C VAL B 330 -26.23 -5.04 12.76
N ALA B 331 -27.00 -5.66 13.66
CA ALA B 331 -27.59 -6.97 13.41
C ALA B 331 -28.65 -6.97 12.31
N PHE B 332 -29.22 -5.82 11.98
CA PHE B 332 -30.22 -5.80 10.93
C PHE B 332 -29.65 -5.27 9.62
N ALA B 333 -29.18 -4.01 9.61
CA ALA B 333 -28.35 -3.41 8.57
C ALA B 333 -28.96 -3.38 7.17
N ALA B 334 -30.17 -3.89 7.00
CA ALA B 334 -30.90 -3.88 5.75
C ALA B 334 -32.12 -2.99 5.81
N ASN B 335 -32.80 -2.97 6.95
CA ASN B 335 -33.74 -1.92 7.27
C ASN B 335 -33.06 -0.76 8.01
N ASP B 336 -31.72 -0.71 7.96
CA ASP B 336 -30.89 0.36 8.52
C ASP B 336 -31.10 0.53 10.02
N GLY B 337 -31.26 -0.58 10.73
CA GLY B 337 -31.30 -0.57 12.17
C GLY B 337 -32.66 -0.53 12.81
N THR B 338 -33.69 -1.08 12.16
CA THR B 338 -35.04 -1.05 12.69
C THR B 338 -35.56 -2.47 12.84
N CYS B 339 -35.99 -2.81 14.05
CA CYS B 339 -36.66 -4.08 14.28
C CYS B 339 -38.06 -3.99 13.69
N GLU B 340 -38.24 -4.52 12.48
CA GLU B 340 -39.58 -4.51 11.91
C GLU B 340 -40.40 -5.70 12.37
N ARG B 341 -39.77 -6.86 12.55
CA ARG B 341 -40.47 -8.04 13.01
C ARG B 341 -40.47 -8.07 14.53
N PRO B 342 -41.62 -7.98 15.19
CA PRO B 342 -41.63 -7.82 16.65
C PRO B 342 -41.44 -9.11 17.41
N GLU B 343 -41.43 -10.27 16.75
CA GLU B 343 -41.37 -11.54 17.45
C GLU B 343 -39.99 -11.83 18.02
N LEU B 344 -38.96 -11.13 17.54
CA LEU B 344 -37.60 -11.32 18.02
C LEU B 344 -37.08 -10.13 18.80
N GLU B 345 -37.93 -9.14 19.06
CA GLU B 345 -37.50 -7.96 19.81
C GLU B 345 -37.15 -8.33 21.25
N ASP B 346 -37.95 -9.23 21.85
CA ASP B 346 -37.68 -9.68 23.21
C ASP B 346 -36.37 -10.45 23.30
N VAL B 347 -36.10 -11.30 22.31
CA VAL B 347 -34.86 -12.07 22.33
C VAL B 347 -33.67 -11.17 22.02
N GLY B 348 -33.88 -10.17 21.18
CA GLY B 348 -32.81 -9.22 20.89
C GLY B 348 -32.44 -8.39 22.10
N LYS B 349 -33.43 -8.04 22.93
CA LYS B 349 -33.08 -7.39 24.18
C LYS B 349 -32.50 -8.37 25.19
N GLU B 350 -32.94 -9.63 25.16
CA GLU B 350 -32.53 -10.56 26.20
C GLU B 350 -31.12 -11.09 25.97
N ILE B 351 -30.66 -11.15 24.72
CA ILE B 351 -29.26 -11.48 24.48
C ILE B 351 -28.36 -10.31 24.86
N VAL B 352 -28.79 -9.09 24.52
CA VAL B 352 -28.00 -7.89 24.80
C VAL B 352 -27.84 -7.67 26.30
N THR B 353 -28.88 -7.93 27.07
CA THR B 353 -28.76 -7.82 28.52
C THR B 353 -28.03 -8.98 29.19
N LYS B 354 -27.39 -9.87 28.42
CA LYS B 354 -26.46 -10.84 28.99
C LYS B 354 -25.01 -10.45 28.82
N CYS B 355 -24.70 -9.69 27.77
CA CYS B 355 -23.33 -9.27 27.48
C CYS B 355 -23.02 -7.86 27.97
N LYS B 356 -23.88 -7.32 28.85
CA LYS B 356 -23.54 -6.31 29.84
C LYS B 356 -23.13 -4.96 29.27
N GLY B 357 -23.49 -4.66 28.03
CA GLY B 357 -23.18 -3.34 27.50
C GLY B 357 -21.73 -3.10 27.19
N LEU B 358 -20.92 -4.12 27.16
CA LEU B 358 -19.55 -3.99 26.70
C LEU B 358 -19.53 -4.12 25.17
N PRO B 359 -18.87 -3.18 24.47
CA PRO B 359 -19.16 -2.98 23.03
C PRO B 359 -18.86 -4.14 22.11
N LEU B 360 -17.65 -4.70 22.13
CA LEU B 360 -17.34 -5.66 21.08
C LEU B 360 -18.01 -7.01 21.30
N THR B 361 -18.46 -7.32 22.52
CA THR B 361 -19.28 -8.51 22.70
C THR B 361 -20.61 -8.34 21.99
N ILE B 362 -21.26 -7.19 22.16
CA ILE B 362 -22.57 -7.02 21.57
C ILE B 362 -22.42 -6.83 20.08
N LYS B 363 -21.28 -6.31 19.62
CA LYS B 363 -21.12 -6.13 18.18
C LYS B 363 -20.72 -7.44 17.51
N ALA B 364 -20.01 -8.32 18.23
CA ALA B 364 -19.71 -9.63 17.67
C ALA B 364 -20.97 -10.48 17.61
N VAL B 365 -21.80 -10.43 18.65
CA VAL B 365 -23.07 -11.13 18.63
C VAL B 365 -23.99 -10.55 17.56
N GLY B 366 -24.01 -9.22 17.41
CA GLY B 366 -24.81 -8.62 16.37
C GLY B 366 -24.31 -8.92 14.97
N GLY B 367 -22.99 -9.04 14.80
CA GLY B 367 -22.47 -9.41 13.51
C GLY B 367 -22.81 -10.84 13.16
N LEU B 368 -22.89 -11.72 14.15
CA LEU B 368 -23.35 -13.06 13.87
C LEU B 368 -24.86 -13.08 13.59
N LEU B 369 -25.63 -12.27 14.32
CA LEU B 369 -27.06 -12.26 14.11
C LEU B 369 -27.46 -11.54 12.81
N LEU B 370 -26.54 -10.81 12.20
CA LEU B 370 -26.76 -10.33 10.85
C LEU B 370 -26.88 -11.48 9.86
N CYS B 371 -26.17 -12.56 10.11
CA CYS B 371 -26.13 -13.69 9.19
C CYS B 371 -27.38 -14.56 9.24
N LYS B 372 -28.31 -14.34 10.17
CA LYS B 372 -29.47 -15.24 10.25
C LYS B 372 -30.82 -14.52 10.10
N ASP B 373 -31.13 -13.55 10.97
CA ASP B 373 -32.14 -12.50 10.80
C ASP B 373 -33.63 -12.86 10.78
N HIS B 374 -34.00 -14.13 10.66
CA HIS B 374 -35.42 -14.38 10.40
C HIS B 374 -36.12 -15.25 11.43
N VAL B 375 -35.64 -16.45 11.67
CA VAL B 375 -36.46 -17.48 12.31
C VAL B 375 -36.31 -17.37 13.81
N TYR B 376 -37.43 -17.39 14.53
CA TYR B 376 -37.44 -17.32 15.98
C TYR B 376 -36.73 -18.52 16.60
N HIS B 377 -36.85 -19.69 15.98
CA HIS B 377 -36.15 -20.88 16.47
C HIS B 377 -34.64 -20.72 16.32
N GLU B 378 -34.20 -20.15 15.21
CA GLU B 378 -32.77 -19.99 14.98
C GLU B 378 -32.18 -18.90 15.86
N TRP B 379 -33.00 -17.92 16.27
CA TRP B 379 -32.57 -16.94 17.26
C TRP B 379 -32.49 -17.54 18.65
N ARG B 380 -33.51 -18.29 19.06
CA ARG B 380 -33.51 -18.87 20.40
C ARG B 380 -32.48 -19.97 20.57
N ARG B 381 -32.11 -20.68 19.50
CA ARG B 381 -31.09 -21.71 19.63
C ARG B 381 -29.74 -21.13 19.99
N ILE B 382 -29.30 -20.11 19.28
CA ILE B 382 -28.01 -19.52 19.63
C ILE B 382 -28.12 -18.60 20.83
N ALA B 383 -29.32 -18.15 21.19
CA ALA B 383 -29.48 -17.52 22.51
C ALA B 383 -29.23 -18.53 23.62
N GLU B 384 -29.72 -19.75 23.45
CA GLU B 384 -29.49 -20.80 24.45
C GLU B 384 -28.02 -21.21 24.48
N HIS B 385 -27.37 -21.26 23.32
CA HIS B 385 -25.96 -21.59 23.31
C HIS B 385 -25.10 -20.48 23.89
N PHE B 386 -25.49 -19.22 23.69
CA PHE B 386 -24.80 -18.11 24.33
C PHE B 386 -25.03 -18.13 25.83
N GLN B 387 -26.19 -18.63 26.27
CA GLN B 387 -26.42 -18.69 27.71
C GLN B 387 -25.65 -19.82 28.37
N ASP B 388 -25.61 -21.00 27.76
CA ASP B 388 -24.97 -22.12 28.48
C ASP B 388 -23.46 -22.11 28.30
N GLU B 389 -22.98 -21.61 27.16
CA GLU B 389 -21.54 -21.54 26.93
C GLU B 389 -20.87 -20.53 27.86
N LEU B 390 -21.62 -19.56 28.34
CA LEU B 390 -21.07 -18.49 29.17
C LEU B 390 -21.10 -18.82 30.65
N ARG B 391 -21.79 -19.90 31.08
CA ARG B 391 -22.15 -20.06 32.49
C ARG B 391 -20.96 -20.30 33.41
N GLY B 392 -19.80 -20.66 32.87
CA GLY B 392 -18.59 -20.61 33.66
C GLY B 392 -17.66 -19.50 33.24
N ASN B 393 -17.62 -18.40 33.98
CA ASN B 393 -16.60 -17.39 33.78
C ASN B 393 -15.71 -17.23 35.00
N THR B 394 -16.29 -16.78 36.12
CA THR B 394 -15.62 -16.15 37.26
C THR B 394 -14.54 -15.19 36.77
N SER B 395 -14.92 -14.33 35.83
CA SER B 395 -14.02 -13.41 35.14
C SER B 395 -14.88 -12.43 34.35
N GLU B 396 -14.23 -11.55 33.59
CA GLU B 396 -14.95 -10.66 32.69
C GLU B 396 -14.33 -10.68 31.30
N THR B 397 -13.03 -10.93 31.20
CA THR B 397 -12.46 -11.17 29.87
C THR B 397 -12.84 -12.55 29.35
N ASP B 398 -13.27 -13.45 30.23
CA ASP B 398 -13.84 -14.69 29.77
C ASP B 398 -15.18 -14.49 29.09
N ASN B 399 -15.86 -13.36 29.35
CA ASN B 399 -17.06 -13.04 28.58
C ASN B 399 -16.73 -12.71 27.14
N VAL B 400 -15.71 -11.89 26.89
CA VAL B 400 -15.36 -11.56 25.51
C VAL B 400 -14.77 -12.78 24.82
N MET B 401 -14.01 -13.60 25.55
CA MET B 401 -13.47 -14.80 24.95
C MET B 401 -14.46 -15.96 24.94
N SER B 402 -15.64 -15.77 25.50
CA SER B 402 -16.74 -16.70 25.30
C SER B 402 -17.59 -16.30 24.11
N SER B 403 -17.84 -15.00 23.95
CA SER B 403 -18.64 -14.55 22.82
C SER B 403 -17.89 -14.66 21.51
N LEU B 404 -16.57 -14.42 21.53
CA LEU B 404 -15.79 -14.66 20.31
C LEU B 404 -15.70 -16.14 19.99
N GLN B 405 -15.69 -17.01 21.00
CA GLN B 405 -15.76 -18.44 20.75
C GLN B 405 -17.11 -18.84 20.17
N LEU B 406 -18.18 -18.17 20.64
CA LEU B 406 -19.50 -18.39 20.05
C LEU B 406 -19.53 -17.95 18.60
N SER B 407 -18.91 -16.82 18.30
CA SER B 407 -18.90 -16.33 16.93
C SER B 407 -18.01 -17.18 16.03
N TYR B 408 -16.99 -17.81 16.61
CA TYR B 408 -16.15 -18.71 15.82
C TYR B 408 -16.82 -20.04 15.57
N ASP B 409 -17.54 -20.58 16.55
CA ASP B 409 -18.18 -21.88 16.38
C ASP B 409 -19.33 -21.82 15.38
N GLU B 410 -20.19 -20.81 15.52
CA GLU B 410 -21.39 -20.70 14.71
C GLU B 410 -21.11 -20.11 13.33
N LEU B 411 -19.86 -19.77 13.06
CA LEU B 411 -19.41 -19.35 11.75
C LEU B 411 -19.63 -20.48 10.73
N PRO B 412 -19.80 -20.15 9.44
CA PRO B 412 -19.84 -21.22 8.43
C PRO B 412 -18.49 -21.89 8.24
N SER B 413 -18.46 -22.94 7.41
CA SER B 413 -17.41 -23.95 7.51
C SER B 413 -16.07 -23.42 7.05
N HIS B 414 -15.96 -23.03 5.79
CA HIS B 414 -14.64 -22.71 5.25
C HIS B 414 -14.11 -21.36 5.70
N LEU B 415 -14.91 -20.55 6.39
CA LEU B 415 -14.40 -19.31 6.94
C LEU B 415 -13.65 -19.53 8.25
N LYS B 416 -13.82 -20.70 8.87
CA LYS B 416 -13.07 -21.05 10.06
C LYS B 416 -11.58 -21.09 9.77
N SER B 417 -11.20 -21.81 8.72
CA SER B 417 -9.80 -21.82 8.29
C SER B 417 -9.34 -20.46 7.78
N CYS B 418 -10.28 -19.66 7.26
CA CYS B 418 -9.92 -18.33 6.78
C CYS B 418 -9.51 -17.41 7.92
N ILE B 419 -10.20 -17.46 9.06
CA ILE B 419 -9.69 -16.64 10.17
C ILE B 419 -8.57 -17.37 10.90
N LEU B 420 -8.50 -18.70 10.76
CA LEU B 420 -7.40 -19.45 11.36
C LEU B 420 -6.05 -19.10 10.74
N THR B 421 -6.00 -18.84 9.45
CA THR B 421 -4.72 -18.46 8.86
C THR B 421 -4.32 -17.03 9.16
N LEU B 422 -5.17 -16.26 9.81
CA LEU B 422 -4.83 -14.89 10.14
C LEU B 422 -4.09 -14.78 11.47
N SER B 423 -3.95 -15.90 12.18
CA SER B 423 -3.27 -15.93 13.47
C SER B 423 -1.79 -15.60 13.36
N LEU B 424 -1.21 -15.86 12.21
CA LEU B 424 0.23 -15.83 12.07
C LEU B 424 0.78 -14.41 12.04
N TYR B 425 -0.06 -13.44 11.72
CA TYR B 425 0.42 -12.08 11.56
C TYR B 425 0.72 -11.47 12.93
N PRO B 426 1.81 -10.69 13.05
CA PRO B 426 2.30 -10.28 14.38
C PRO B 426 1.41 -9.28 15.10
N GLU B 427 1.90 -8.80 16.24
CA GLU B 427 1.11 -8.06 17.21
C GLU B 427 0.66 -6.72 16.64
N ASP B 428 -0.65 -6.63 16.35
CA ASP B 428 -1.32 -5.41 15.87
C ASP B 428 -0.70 -4.92 14.55
N CYS B 429 -0.42 -5.86 13.67
CA CYS B 429 0.16 -5.53 12.38
C CYS B 429 -0.92 -5.01 11.44
N VAL B 430 -0.48 -4.50 10.29
CA VAL B 430 -1.38 -4.00 9.25
C VAL B 430 -1.29 -4.96 8.08
N ILE B 431 -2.35 -5.71 7.86
CA ILE B 431 -2.33 -6.92 7.03
C ILE B 431 -2.88 -6.57 5.66
N PRO B 432 -2.11 -6.72 4.59
CA PRO B 432 -2.64 -6.41 3.26
C PRO B 432 -3.60 -7.48 2.78
N LYS B 433 -4.52 -7.06 1.91
CA LYS B 433 -5.68 -7.88 1.59
C LYS B 433 -5.34 -8.99 0.59
N GLN B 434 -4.59 -8.65 -0.46
CA GLN B 434 -4.25 -9.65 -1.46
C GLN B 434 -3.33 -10.72 -0.90
N GLN B 435 -2.53 -10.36 0.10
CA GLN B 435 -1.71 -11.31 0.84
C GLN B 435 -2.56 -12.40 1.47
N LEU B 436 -3.74 -12.03 1.97
CA LEU B 436 -4.67 -13.02 2.53
C LEU B 436 -5.42 -13.76 1.44
N VAL B 437 -5.92 -13.03 0.45
CA VAL B 437 -6.86 -13.62 -0.50
C VAL B 437 -6.15 -14.57 -1.44
N HIS B 438 -4.92 -14.26 -1.85
CA HIS B 438 -4.19 -15.22 -2.65
C HIS B 438 -3.65 -16.39 -1.83
N GLY B 439 -3.70 -16.31 -0.51
CA GLY B 439 -3.46 -17.48 0.30
C GLY B 439 -4.70 -18.34 0.41
N TRP B 440 -5.86 -17.69 0.53
CA TRP B 440 -7.11 -18.41 0.74
C TRP B 440 -7.50 -19.23 -0.49
N ILE B 441 -7.10 -18.78 -1.67
CA ILE B 441 -7.27 -19.59 -2.88
C ILE B 441 -6.12 -20.57 -3.04
N GLY B 442 -5.06 -20.41 -2.25
CA GLY B 442 -3.94 -21.33 -2.28
C GLY B 442 -4.26 -22.69 -1.72
N GLU B 443 -4.61 -22.76 -0.43
CA GLU B 443 -4.87 -24.05 0.21
C GLU B 443 -6.26 -24.58 -0.04
N GLY B 444 -6.97 -24.11 -1.05
CA GLY B 444 -8.29 -24.65 -1.30
C GLY B 444 -9.32 -24.25 -0.27
N PHE B 445 -9.11 -23.12 0.39
CA PHE B 445 -10.09 -22.59 1.33
C PHE B 445 -11.22 -21.85 0.63
N VAL B 446 -11.26 -21.87 -0.69
CA VAL B 446 -12.17 -21.06 -1.48
C VAL B 446 -13.04 -22.00 -2.30
N MET B 447 -14.10 -21.46 -2.90
CA MET B 447 -15.02 -22.23 -3.71
C MET B 447 -15.42 -21.47 -4.95
N TRP B 448 -15.22 -22.10 -6.11
CA TRP B 448 -15.65 -21.49 -7.37
C TRP B 448 -15.96 -22.62 -8.35
N ARG B 449 -17.24 -22.76 -8.71
CA ARG B 449 -17.71 -23.94 -9.40
C ARG B 449 -18.49 -23.67 -10.67
N ASN B 450 -19.28 -22.61 -10.74
CA ASN B 450 -20.33 -22.47 -11.73
C ASN B 450 -20.30 -21.09 -12.38
N GLY B 451 -19.12 -20.68 -12.82
CA GLY B 451 -18.96 -19.41 -13.50
C GLY B 451 -18.66 -18.24 -12.60
N ARG B 452 -18.87 -18.38 -11.29
CA ARG B 452 -18.37 -17.39 -10.35
C ARG B 452 -16.85 -17.44 -10.35
N SER B 453 -16.23 -16.30 -10.63
CA SER B 453 -14.79 -16.27 -10.82
C SER B 453 -14.06 -16.45 -9.49
N ALA B 454 -12.85 -16.98 -9.60
CA ALA B 454 -12.09 -17.35 -8.42
C ALA B 454 -11.44 -16.17 -7.73
N THR B 455 -11.41 -15.00 -8.36
CA THR B 455 -10.94 -13.82 -7.66
C THR B 455 -12.09 -13.04 -7.04
N GLU B 456 -13.31 -13.22 -7.53
CA GLU B 456 -14.45 -12.64 -6.85
C GLU B 456 -14.90 -13.52 -5.69
N SER B 457 -14.80 -14.83 -5.85
CA SER B 457 -15.11 -15.73 -4.75
C SER B 457 -14.03 -15.75 -3.69
N GLY B 458 -12.84 -15.23 -4.01
CA GLY B 458 -11.81 -15.11 -3.01
C GLY B 458 -12.00 -13.94 -2.07
N GLU B 459 -12.85 -12.99 -2.44
CA GLU B 459 -13.05 -11.81 -1.63
C GLU B 459 -14.46 -11.61 -1.13
N ASP B 460 -15.44 -12.37 -1.61
CA ASP B 460 -16.68 -12.40 -0.83
C ASP B 460 -16.49 -13.23 0.44
N CYS B 461 -15.52 -14.15 0.45
CA CYS B 461 -15.08 -14.80 1.66
C CYS B 461 -14.25 -13.88 2.56
N PHE B 462 -13.94 -12.67 2.11
CA PHE B 462 -13.43 -11.64 2.99
C PHE B 462 -14.51 -10.68 3.45
N SER B 463 -15.44 -10.33 2.56
CA SER B 463 -16.54 -9.45 2.95
C SER B 463 -17.49 -10.15 3.91
N GLY B 464 -17.57 -11.48 3.84
CA GLY B 464 -18.29 -12.25 4.81
C GLY B 464 -17.60 -12.35 6.15
N LEU B 465 -16.32 -12.01 6.22
CA LEU B 465 -15.67 -11.88 7.52
C LEU B 465 -15.72 -10.47 8.04
N THR B 466 -15.89 -9.48 7.16
CA THR B 466 -16.15 -8.12 7.64
C THR B 466 -17.59 -7.89 8.03
N ASN B 467 -18.46 -8.89 7.89
CA ASN B 467 -19.84 -8.75 8.34
C ASN B 467 -20.07 -9.27 9.74
N ARG B 468 -19.25 -10.22 10.20
CA ARG B 468 -19.35 -10.69 11.57
C ARG B 468 -18.57 -9.84 12.53
N CYS B 469 -17.97 -8.74 12.04
CA CYS B 469 -17.10 -7.83 12.81
C CYS B 469 -15.90 -8.56 13.39
N LEU B 470 -15.45 -9.62 12.71
CA LEU B 470 -14.24 -10.33 13.07
C LEU B 470 -13.02 -9.74 12.38
N ILE B 471 -13.22 -8.84 11.42
CA ILE B 471 -12.17 -8.18 10.66
C ILE B 471 -12.60 -6.75 10.43
N GLU B 472 -11.77 -5.79 10.82
CA GLU B 472 -12.09 -4.39 10.62
C GLU B 472 -11.18 -3.79 9.56
N VAL B 473 -11.77 -2.98 8.69
CA VAL B 473 -11.10 -2.47 7.51
C VAL B 473 -10.48 -1.13 7.84
N VAL B 474 -9.21 -0.95 7.50
CA VAL B 474 -8.49 0.27 7.81
C VAL B 474 -8.27 1.16 6.59
N ASP B 475 -7.87 0.60 5.45
CA ASP B 475 -7.58 1.41 4.27
C ASP B 475 -8.56 1.12 3.14
N LYS B 476 -8.94 2.19 2.45
CA LYS B 476 -9.82 2.12 1.31
C LYS B 476 -9.15 2.80 0.12
N THR B 477 -9.87 2.87 -0.98
CA THR B 477 -9.49 3.65 -2.15
C THR B 477 -10.56 4.70 -2.39
N TYR B 478 -10.48 5.39 -3.52
CA TYR B 478 -11.60 6.22 -3.93
C TYR B 478 -12.79 5.36 -4.31
N SER B 479 -12.55 4.17 -4.86
CA SER B 479 -13.58 3.31 -5.40
C SER B 479 -14.17 2.37 -4.37
N GLY B 480 -13.79 2.49 -3.11
CA GLY B 480 -14.37 1.66 -2.08
C GLY B 480 -13.76 0.29 -1.91
N THR B 481 -12.80 -0.10 -2.75
CA THR B 481 -12.10 -1.35 -2.53
C THR B 481 -11.12 -1.19 -1.37
N ILE B 482 -10.58 -2.33 -0.93
CA ILE B 482 -9.85 -2.42 0.33
C ILE B 482 -8.41 -2.82 0.03
N ILE B 483 -7.46 -2.14 0.65
CA ILE B 483 -6.06 -2.45 0.45
C ILE B 483 -5.50 -3.22 1.65
N THR B 484 -5.57 -2.63 2.83
CA THR B 484 -5.03 -3.28 4.01
C THR B 484 -6.15 -3.56 5.01
N CYS B 485 -5.76 -4.10 6.17
CA CYS B 485 -6.68 -4.76 7.08
C CYS B 485 -5.96 -5.05 8.39
N LYS B 486 -6.75 -5.21 9.45
CA LYS B 486 -6.26 -5.62 10.76
C LYS B 486 -7.42 -6.15 11.56
N ILE B 487 -7.12 -6.88 12.63
CA ILE B 487 -8.13 -7.36 13.55
C ILE B 487 -7.85 -6.83 14.94
N HIS B 488 -8.88 -6.85 15.78
CA HIS B 488 -8.77 -6.36 17.13
C HIS B 488 -7.87 -7.28 17.95
N ASP B 489 -7.27 -6.72 19.00
CA ASP B 489 -6.23 -7.42 19.73
C ASP B 489 -6.79 -8.60 20.52
N MET B 490 -7.99 -8.45 21.08
CA MET B 490 -8.60 -9.56 21.82
C MET B 490 -9.02 -10.71 20.91
N VAL B 491 -9.19 -10.46 19.61
CA VAL B 491 -9.60 -11.51 18.71
C VAL B 491 -8.44 -12.47 18.43
N ARG B 492 -7.23 -11.93 18.25
CA ARG B 492 -6.12 -12.79 17.86
C ARG B 492 -5.64 -13.67 18.99
N ASP B 493 -5.95 -13.34 20.24
CA ASP B 493 -5.66 -14.26 21.33
C ASP B 493 -6.53 -15.51 21.23
N LEU B 494 -7.82 -15.32 20.90
CA LEU B 494 -8.69 -16.46 20.62
C LEU B 494 -8.18 -17.25 19.42
N VAL B 495 -7.71 -16.57 18.37
CA VAL B 495 -7.34 -17.28 17.16
C VAL B 495 -6.05 -18.07 17.37
N ILE B 496 -5.10 -17.52 18.11
CA ILE B 496 -3.89 -18.27 18.46
C ILE B 496 -4.21 -19.44 19.38
N ASP B 497 -5.13 -19.25 20.33
CA ASP B 497 -5.46 -20.32 21.27
C ASP B 497 -6.20 -21.46 20.57
N ILE B 498 -7.06 -21.13 19.60
CA ILE B 498 -7.76 -22.18 18.86
C ILE B 498 -6.88 -22.77 17.77
N ALA B 499 -5.79 -22.10 17.42
CA ALA B 499 -4.87 -22.68 16.45
C ALA B 499 -3.88 -23.63 17.10
N LYS B 500 -3.34 -23.26 18.26
CA LYS B 500 -2.29 -24.04 18.92
C LYS B 500 -2.80 -25.39 19.37
N LYS B 501 -4.08 -25.47 19.77
CA LYS B 501 -4.69 -26.74 20.12
C LYS B 501 -4.85 -27.64 18.91
N ASP B 502 -4.94 -27.04 17.73
CA ASP B 502 -5.23 -27.75 16.50
C ASP B 502 -4.04 -27.81 15.54
N SER B 503 -2.89 -27.32 15.97
CA SER B 503 -1.60 -27.46 15.27
C SER B 503 -1.63 -26.86 13.87
N PHE B 504 -2.07 -25.60 13.79
CA PHE B 504 -2.00 -24.84 12.55
C PHE B 504 -1.04 -23.68 12.64
N SER B 505 -0.52 -23.41 13.82
CA SER B 505 0.26 -22.22 14.10
C SER B 505 1.25 -22.61 15.17
N ASN B 506 1.68 -21.61 15.96
CA ASN B 506 2.73 -21.71 16.98
C ASN B 506 4.02 -22.13 16.30
N PRO B 507 4.71 -21.23 15.58
CA PRO B 507 6.02 -21.58 15.03
C PRO B 507 7.05 -21.90 16.09
N GLU B 508 6.84 -21.47 17.33
CA GLU B 508 7.68 -21.80 18.46
C GLU B 508 7.42 -23.28 18.79
N GLY B 509 8.03 -24.14 17.99
CA GLY B 509 7.71 -25.55 18.01
C GLY B 509 7.79 -26.12 16.60
N LEU B 510 7.27 -27.34 16.46
CA LEU B 510 7.50 -28.14 15.26
C LEU B 510 6.23 -28.43 14.49
N ASN B 511 5.19 -28.95 15.14
CA ASN B 511 4.00 -29.42 14.44
C ASN B 511 3.21 -28.23 13.91
N CYS B 512 3.22 -28.07 12.59
CA CYS B 512 2.56 -26.95 11.95
C CYS B 512 2.01 -27.41 10.62
N ARG B 513 0.72 -27.16 10.38
CA ARG B 513 0.21 -27.34 9.02
C ARG B 513 0.66 -26.22 8.11
N HIS B 514 0.44 -24.97 8.51
CA HIS B 514 0.93 -23.84 7.74
C HIS B 514 1.72 -22.90 8.63
N LEU B 515 2.99 -22.73 8.29
CA LEU B 515 4.00 -21.96 9.01
C LEU B 515 4.14 -20.58 8.38
N GLY B 516 4.79 -19.68 9.10
CA GLY B 516 5.27 -18.46 8.48
C GLY B 516 6.37 -17.83 9.30
N ILE B 517 7.28 -17.15 8.62
CA ILE B 517 8.42 -16.51 9.28
C ILE B 517 8.18 -15.01 9.30
N SER B 518 8.34 -14.43 10.48
CA SER B 518 8.20 -13.01 10.71
C SER B 518 9.58 -12.37 10.64
N GLY B 519 9.69 -11.14 11.16
CA GLY B 519 10.90 -10.36 11.01
C GLY B 519 12.12 -10.98 11.67
N ASN B 520 13.02 -11.53 10.84
CA ASN B 520 14.38 -11.95 11.21
C ASN B 520 14.36 -13.06 12.27
N PHE B 521 13.83 -14.22 11.88
CA PHE B 521 13.83 -15.41 12.72
C PHE B 521 14.74 -16.50 12.17
N ASP B 522 15.82 -16.12 11.47
CA ASP B 522 16.77 -17.10 10.97
C ASP B 522 17.62 -17.70 12.09
N GLU B 523 17.72 -17.02 13.24
CA GLU B 523 18.44 -17.57 14.38
C GLU B 523 17.71 -18.77 14.98
N LYS B 524 16.40 -18.89 14.75
CA LYS B 524 15.68 -20.09 15.15
C LYS B 524 16.06 -21.26 14.28
N GLN B 525 16.08 -21.04 12.95
CA GLN B 525 16.37 -22.04 11.92
C GLN B 525 15.46 -23.25 12.08
N ILE B 526 14.17 -22.98 11.85
CA ILE B 526 13.11 -23.89 12.26
C ILE B 526 13.16 -25.17 11.44
N LYS B 527 13.02 -26.30 12.12
CA LYS B 527 13.04 -27.58 11.45
C LYS B 527 11.76 -27.78 10.66
N VAL B 528 11.91 -28.20 9.41
CA VAL B 528 10.81 -28.30 8.47
C VAL B 528 10.63 -29.76 8.06
N ASN B 529 9.37 -30.17 7.91
CA ASN B 529 9.04 -31.56 7.67
C ASN B 529 7.91 -31.63 6.65
N HIS B 530 7.32 -32.81 6.54
CA HIS B 530 6.41 -33.12 5.43
C HIS B 530 5.01 -32.56 5.59
N LYS B 531 4.67 -31.92 6.70
CA LYS B 531 3.31 -31.42 6.80
C LYS B 531 3.17 -30.08 6.08
N LEU B 532 3.70 -29.01 6.67
CA LEU B 532 4.14 -27.74 6.08
C LEU B 532 3.40 -27.23 4.84
N ARG B 533 2.10 -27.00 4.93
CA ARG B 533 1.31 -26.64 3.76
C ARG B 533 1.34 -25.16 3.43
N GLY B 534 2.35 -24.42 3.82
CA GLY B 534 2.42 -23.04 3.43
C GLY B 534 3.46 -22.26 4.20
N VAL B 535 4.11 -21.30 3.55
CA VAL B 535 5.03 -20.38 4.19
C VAL B 535 4.70 -18.98 3.72
N VAL B 536 4.35 -18.11 4.64
CA VAL B 536 4.14 -16.70 4.30
C VAL B 536 5.19 -15.89 5.02
N SER B 537 5.39 -14.66 4.56
CA SER B 537 6.30 -13.74 5.20
C SER B 537 5.52 -12.52 5.64
N THR B 538 5.62 -12.18 6.92
CA THR B 538 4.81 -11.15 7.55
C THR B 538 5.74 -10.06 8.07
N THR B 539 5.69 -8.89 7.45
CA THR B 539 6.47 -7.74 7.88
C THR B 539 5.54 -6.58 8.18
N LYS B 540 5.96 -5.73 9.11
CA LYS B 540 5.09 -4.69 9.65
C LYS B 540 5.36 -3.34 8.98
N THR B 541 5.13 -3.30 7.66
CA THR B 541 5.04 -2.10 6.83
C THR B 541 6.26 -1.17 6.97
N GLY B 542 7.39 -1.66 6.50
CA GLY B 542 8.60 -0.87 6.52
C GLY B 542 9.83 -1.69 6.84
N GLU B 543 9.63 -2.79 7.53
CA GLU B 543 10.72 -3.70 7.84
C GLU B 543 10.83 -4.78 6.77
N VAL B 544 12.01 -5.38 6.68
CA VAL B 544 12.26 -6.50 5.79
C VAL B 544 12.91 -7.61 6.59
N ASN B 545 12.34 -8.81 6.55
CA ASN B 545 12.98 -9.96 7.17
C ASN B 545 14.04 -10.51 6.23
N LYS B 546 15.30 -10.19 6.52
CA LYS B 546 16.39 -10.75 5.75
C LYS B 546 16.58 -12.22 6.08
N LEU B 547 17.02 -12.98 5.09
CA LEU B 547 17.12 -14.42 5.24
C LEU B 547 18.53 -14.89 4.92
N ASN B 548 18.72 -16.19 4.80
CA ASN B 548 20.01 -16.78 4.54
C ASN B 548 19.87 -17.75 3.38
N SER B 549 20.99 -18.32 2.93
CA SER B 549 20.96 -19.45 2.05
C SER B 549 20.83 -20.76 2.81
N ASP B 550 20.76 -20.71 4.13
CA ASP B 550 20.66 -21.92 4.94
C ASP B 550 19.23 -22.46 4.91
N LEU B 551 18.27 -21.70 5.44
CA LEU B 551 16.92 -22.22 5.55
C LEU B 551 16.15 -22.06 4.25
N ALA B 552 16.64 -21.24 3.33
CA ALA B 552 15.93 -21.03 2.06
C ALA B 552 15.96 -22.28 1.20
N LYS B 553 17.07 -23.02 1.26
CA LYS B 553 17.13 -24.31 0.58
C LYS B 553 16.22 -25.34 1.22
N LYS B 554 15.88 -25.16 2.50
CA LYS B 554 15.05 -26.13 3.19
C LYS B 554 13.58 -26.06 2.80
N PHE B 555 13.15 -25.01 2.08
CA PHE B 555 11.78 -24.98 1.61
C PHE B 555 11.54 -26.03 0.54
N THR B 556 12.51 -26.22 -0.34
CA THR B 556 12.39 -27.17 -1.42
C THR B 556 12.66 -28.60 -0.98
N ASP B 557 12.96 -28.83 0.31
CA ASP B 557 12.97 -30.17 0.86
C ASP B 557 11.58 -30.64 1.26
N CYS B 558 10.63 -29.72 1.41
CA CYS B 558 9.24 -30.09 1.63
C CYS B 558 8.68 -30.76 0.38
N LYS B 559 7.59 -31.49 0.56
CA LYS B 559 7.03 -32.25 -0.55
C LYS B 559 5.53 -32.11 -0.68
N TYR B 560 4.88 -31.34 0.18
CA TYR B 560 3.46 -31.08 0.00
C TYR B 560 3.15 -29.61 0.23
N LEU B 561 4.10 -28.74 -0.05
CA LEU B 561 3.90 -27.33 0.22
C LEU B 561 2.94 -26.75 -0.80
N ARG B 562 2.16 -25.76 -0.38
CA ARG B 562 1.17 -25.13 -1.24
C ARG B 562 1.51 -23.68 -1.52
N VAL B 563 1.67 -22.88 -0.49
CA VAL B 563 1.78 -21.43 -0.60
C VAL B 563 3.19 -21.04 -0.18
N LEU B 564 4.05 -20.74 -1.14
CA LEU B 564 5.40 -20.27 -0.86
C LEU B 564 5.37 -18.75 -1.08
N ASP B 565 4.91 -18.03 -0.06
CA ASP B 565 4.70 -16.60 -0.16
C ASP B 565 5.84 -15.87 0.55
N ILE B 566 6.99 -15.80 -0.11
CA ILE B 566 8.09 -15.00 0.41
C ILE B 566 8.02 -13.62 -0.26
N SER B 567 7.40 -12.68 0.44
CA SER B 567 7.46 -11.25 0.15
C SER B 567 8.77 -10.70 0.69
N LYS B 568 8.79 -9.39 1.05
CA LYS B 568 9.96 -8.52 1.24
C LYS B 568 11.20 -9.22 1.77
N SER B 569 12.30 -9.22 1.03
CA SER B 569 13.35 -10.18 1.37
C SER B 569 14.69 -9.70 0.84
N ILE B 570 15.73 -9.88 1.64
CA ILE B 570 17.10 -9.80 1.18
C ILE B 570 17.74 -11.15 1.42
N PHE B 571 18.20 -11.77 0.35
CA PHE B 571 18.89 -13.04 0.41
C PHE B 571 20.39 -12.81 0.34
N ASP B 572 21.15 -13.89 0.23
CA ASP B 572 22.59 -13.84 0.09
C ASP B 572 23.06 -14.37 -1.24
N ALA B 573 22.24 -15.15 -1.92
CA ALA B 573 22.52 -15.71 -3.23
C ALA B 573 21.44 -15.25 -4.19
N PRO B 574 21.66 -15.32 -5.50
CA PRO B 574 20.56 -15.08 -6.44
C PRO B 574 19.54 -16.19 -6.36
N LEU B 575 18.26 -15.83 -6.58
CA LEU B 575 17.18 -16.80 -6.42
C LEU B 575 17.21 -17.88 -7.48
N SER B 576 17.78 -17.59 -8.65
CA SER B 576 17.96 -18.63 -9.66
C SER B 576 18.98 -19.67 -9.26
N GLU B 577 19.77 -19.44 -8.22
CA GLU B 577 20.60 -20.47 -7.62
C GLU B 577 19.97 -21.09 -6.38
N ILE B 578 19.19 -20.31 -5.61
CA ILE B 578 18.59 -20.85 -4.39
C ILE B 578 17.46 -21.82 -4.71
N LEU B 579 16.57 -21.43 -5.62
CA LEU B 579 15.36 -22.21 -5.84
C LEU B 579 15.52 -23.19 -6.98
N ASP B 580 16.70 -23.81 -7.10
CA ASP B 580 16.92 -24.80 -8.15
C ASP B 580 16.09 -26.05 -7.95
N GLU B 581 15.69 -26.35 -6.72
CA GLU B 581 15.09 -27.64 -6.40
C GLU B 581 13.56 -27.60 -6.38
N ILE B 582 12.92 -26.83 -7.27
CA ILE B 582 11.46 -26.89 -7.38
C ILE B 582 11.03 -28.06 -8.25
N ALA B 583 11.97 -28.87 -8.72
CA ALA B 583 11.61 -30.16 -9.29
C ALA B 583 11.06 -31.10 -8.22
N SER B 584 11.48 -30.93 -6.96
CA SER B 584 10.97 -31.77 -5.89
C SER B 584 9.53 -31.41 -5.54
N LEU B 585 9.18 -30.14 -5.62
CA LEU B 585 7.81 -29.70 -5.39
C LEU B 585 6.96 -29.99 -6.61
N GLN B 586 5.69 -30.34 -6.38
CA GLN B 586 4.71 -30.38 -7.44
C GLN B 586 3.39 -29.74 -7.09
N HIS B 587 3.04 -29.62 -5.82
CA HIS B 587 1.71 -29.18 -5.43
C HIS B 587 1.68 -27.71 -5.09
N LEU B 588 2.45 -26.87 -5.78
CA LEU B 588 2.34 -25.44 -5.54
C LEU B 588 1.04 -24.89 -6.06
N ALA B 589 0.44 -24.00 -5.29
CA ALA B 589 -0.68 -23.20 -5.74
C ALA B 589 -0.30 -21.77 -6.04
N CYS B 590 0.70 -21.23 -5.37
CA CYS B 590 1.11 -19.85 -5.64
C CYS B 590 2.55 -19.61 -5.18
N LEU B 591 3.35 -19.03 -6.07
CA LEU B 591 4.52 -18.26 -5.70
C LEU B 591 4.10 -16.81 -5.53
N SER B 592 4.78 -16.11 -4.65
CA SER B 592 4.67 -14.66 -4.62
C SER B 592 6.05 -14.14 -4.22
N LEU B 593 6.88 -13.87 -5.23
CA LEU B 593 8.25 -13.46 -4.98
C LEU B 593 8.40 -11.95 -4.90
N SER B 594 7.33 -11.24 -4.56
CA SER B 594 7.26 -9.78 -4.65
C SER B 594 8.23 -9.09 -3.71
N ASN B 595 8.87 -8.03 -4.21
CA ASN B 595 9.85 -7.21 -3.50
C ASN B 595 11.02 -8.03 -2.95
N THR B 596 11.43 -9.05 -3.68
CA THR B 596 12.63 -9.80 -3.35
C THR B 596 13.81 -9.16 -4.10
N HIS B 597 14.93 -8.94 -3.41
CA HIS B 597 16.00 -8.35 -4.21
C HIS B 597 16.76 -9.33 -5.11
N PRO B 598 17.43 -10.40 -4.61
CA PRO B 598 18.38 -11.01 -5.57
C PRO B 598 17.72 -11.98 -6.53
N LEU B 599 17.01 -11.46 -7.52
CA LEU B 599 16.50 -12.31 -8.59
C LEU B 599 16.68 -11.61 -9.92
N ILE B 600 17.01 -12.41 -10.94
CA ILE B 600 17.15 -11.93 -12.31
C ILE B 600 16.28 -12.80 -13.19
N GLN B 601 16.45 -14.10 -13.08
CA GLN B 601 15.64 -15.06 -13.81
C GLN B 601 14.82 -15.87 -12.82
N PHE B 602 13.58 -16.19 -13.19
CA PHE B 602 12.88 -17.27 -12.52
C PHE B 602 13.60 -18.58 -12.78
N PRO B 603 13.66 -19.48 -11.80
CA PRO B 603 14.59 -20.62 -11.88
C PRO B 603 14.27 -21.57 -13.01
N ARG B 604 15.33 -22.15 -13.57
CA ARG B 604 15.24 -22.88 -14.83
C ARG B 604 14.42 -24.16 -14.72
N SER B 605 14.23 -24.68 -13.51
CA SER B 605 13.41 -25.87 -13.31
C SER B 605 12.00 -25.53 -12.85
N MET B 606 11.49 -24.38 -13.27
CA MET B 606 10.05 -24.12 -13.18
C MET B 606 9.33 -24.68 -14.40
N GLU B 607 10.08 -25.31 -15.31
CA GLU B 607 9.53 -25.87 -16.53
C GLU B 607 8.49 -26.95 -16.25
N ASP B 608 8.72 -27.78 -15.24
CA ASP B 608 7.84 -28.90 -14.97
C ASP B 608 7.15 -28.78 -13.61
N LEU B 609 6.69 -27.58 -13.28
CA LEU B 609 5.59 -27.48 -12.34
C LEU B 609 4.29 -27.60 -13.12
N HIS B 610 3.24 -28.05 -12.44
CA HIS B 610 2.00 -28.27 -13.17
C HIS B 610 0.86 -27.39 -12.69
N ASN B 611 0.60 -27.30 -11.39
CA ASN B 611 -0.65 -26.64 -11.00
C ASN B 611 -0.49 -25.12 -11.00
N LEU B 612 0.18 -24.58 -9.97
CA LEU B 612 0.61 -23.18 -9.84
C LEU B 612 -0.44 -22.16 -10.25
N GLN B 613 -1.49 -22.00 -9.44
CA GLN B 613 -2.60 -21.15 -9.85
C GLN B 613 -2.27 -19.66 -9.88
N ILE B 614 -1.19 -19.21 -9.24
CA ILE B 614 -0.85 -17.79 -9.14
C ILE B 614 0.64 -17.62 -9.26
N LEU B 615 1.08 -16.70 -10.13
CA LEU B 615 2.47 -16.30 -10.18
C LEU B 615 2.49 -14.79 -9.97
N ASP B 616 2.52 -14.37 -8.72
CA ASP B 616 2.62 -12.95 -8.39
C ASP B 616 4.10 -12.59 -8.27
N ALA B 617 4.53 -11.57 -9.01
CA ALA B 617 5.91 -11.15 -8.94
C ALA B 617 6.05 -9.65 -9.07
N SER B 618 5.09 -8.89 -8.56
CA SER B 618 5.06 -7.46 -8.78
C SER B 618 6.19 -6.76 -8.02
N TYR B 619 6.61 -5.62 -8.56
CA TYR B 619 7.62 -4.72 -8.00
C TYR B 619 8.99 -5.37 -7.87
N CYS B 620 9.28 -6.40 -8.64
CA CYS B 620 10.61 -7.01 -8.67
C CYS B 620 11.33 -6.38 -9.85
N GLN B 621 11.99 -5.26 -9.61
CA GLN B 621 12.26 -4.30 -10.67
C GLN B 621 13.55 -4.55 -11.42
N ASN B 622 14.18 -5.70 -11.27
CA ASN B 622 15.26 -6.06 -12.18
C ASN B 622 15.24 -7.56 -12.50
N LEU B 623 14.07 -8.12 -12.80
CA LEU B 623 14.03 -9.45 -13.40
C LEU B 623 13.93 -9.22 -14.91
N LYS B 624 15.07 -9.33 -15.59
CA LYS B 624 15.19 -8.78 -16.94
C LYS B 624 14.71 -9.73 -18.03
N GLN B 625 13.94 -10.75 -17.67
CA GLN B 625 13.29 -11.66 -18.60
C GLN B 625 12.27 -12.46 -17.83
N LEU B 626 11.10 -12.70 -18.42
CA LEU B 626 10.17 -13.66 -17.87
C LEU B 626 10.32 -14.99 -18.60
N GLN B 627 10.56 -16.05 -17.84
CA GLN B 627 11.02 -17.35 -18.31
C GLN B 627 9.91 -18.02 -19.11
N PRO B 628 10.23 -18.62 -20.27
CA PRO B 628 9.17 -18.96 -21.24
C PRO B 628 8.38 -20.23 -20.98
N CYS B 629 8.37 -20.74 -19.75
CA CYS B 629 7.61 -21.94 -19.47
C CYS B 629 6.16 -21.65 -19.06
N ILE B 630 5.74 -20.40 -18.98
CA ILE B 630 4.41 -20.11 -18.45
C ILE B 630 3.40 -20.15 -19.59
N VAL B 631 3.85 -20.48 -20.79
CA VAL B 631 2.91 -20.86 -21.84
C VAL B 631 2.29 -22.22 -21.55
N LEU B 632 2.99 -23.07 -20.80
CA LEU B 632 2.69 -24.49 -20.83
C LEU B 632 1.56 -24.89 -19.87
N PHE B 633 1.51 -24.34 -18.66
CA PHE B 633 0.51 -24.78 -17.68
C PHE B 633 -0.78 -23.98 -17.80
N LYS B 634 -1.88 -24.69 -18.05
CA LYS B 634 -3.17 -24.11 -18.38
C LYS B 634 -4.04 -23.85 -17.16
N LYS B 635 -3.44 -23.66 -15.99
CA LYS B 635 -4.22 -23.72 -14.76
C LYS B 635 -4.42 -22.36 -14.12
N LEU B 636 -3.55 -21.38 -14.38
CA LEU B 636 -3.44 -20.28 -13.43
C LEU B 636 -4.56 -19.27 -13.61
N LEU B 637 -4.65 -18.35 -12.65
CA LEU B 637 -5.75 -17.40 -12.55
C LEU B 637 -5.25 -15.98 -12.45
N VAL B 638 -4.08 -15.79 -11.86
CA VAL B 638 -3.54 -14.46 -11.57
C VAL B 638 -2.10 -14.40 -12.07
N LEU B 639 -1.82 -13.44 -12.95
CA LEU B 639 -0.44 -13.14 -13.35
C LEU B 639 -0.23 -11.66 -13.09
N ASP B 640 0.43 -11.34 -11.98
CA ASP B 640 0.44 -9.97 -11.44
C ASP B 640 1.86 -9.44 -11.46
N MET B 641 2.14 -8.51 -12.36
CA MET B 641 3.47 -7.94 -12.52
C MET B 641 3.39 -6.42 -12.69
N THR B 642 2.70 -5.75 -11.77
CA THR B 642 2.65 -4.29 -11.79
C THR B 642 4.03 -3.70 -11.52
N ASN B 643 4.42 -2.75 -12.37
CA ASN B 643 5.60 -1.91 -12.19
C ASN B 643 6.91 -2.71 -12.13
N CYS B 644 6.98 -3.85 -12.79
CA CYS B 644 8.27 -4.48 -13.00
C CYS B 644 9.00 -3.68 -14.06
N GLY B 645 9.86 -2.76 -13.60
CA GLY B 645 10.41 -1.70 -14.43
C GLY B 645 11.31 -2.15 -15.56
N SER B 646 11.75 -3.40 -15.57
CA SER B 646 12.63 -3.92 -16.60
C SER B 646 12.17 -5.33 -16.92
N LEU B 647 11.31 -5.47 -17.92
CA LEU B 647 10.74 -6.76 -18.27
C LEU B 647 10.34 -6.71 -19.73
N GLU B 648 10.97 -7.55 -20.55
CA GLU B 648 10.80 -7.45 -22.00
C GLU B 648 9.79 -8.47 -22.51
N CYS B 649 8.54 -8.25 -22.11
CA CYS B 649 7.37 -8.80 -22.79
C CYS B 649 7.23 -10.31 -22.87
N PHE B 650 6.85 -10.95 -21.76
CA PHE B 650 5.75 -11.93 -21.76
C PHE B 650 5.70 -12.88 -22.94
N PRO B 651 6.42 -14.01 -22.90
CA PRO B 651 6.61 -14.85 -24.09
C PRO B 651 5.31 -15.29 -24.77
N LYS B 652 5.44 -15.60 -26.07
CA LYS B 652 4.39 -15.30 -27.05
C LYS B 652 3.09 -16.06 -26.82
N GLY B 653 3.16 -17.25 -26.22
CA GLY B 653 1.95 -18.04 -26.12
C GLY B 653 1.03 -17.74 -24.96
N ILE B 654 0.85 -16.46 -24.61
CA ILE B 654 0.03 -16.14 -23.44
C ILE B 654 -1.47 -16.23 -23.74
N GLY B 655 -1.85 -16.34 -25.00
CA GLY B 655 -3.23 -16.60 -25.30
C GLY B 655 -3.64 -18.05 -25.25
N SER B 656 -2.77 -18.93 -24.76
CA SER B 656 -3.01 -20.36 -24.71
C SER B 656 -3.38 -20.84 -23.31
N LEU B 657 -3.81 -19.92 -22.43
CA LEU B 657 -4.24 -20.27 -21.09
C LEU B 657 -5.57 -19.58 -20.80
N VAL B 658 -6.67 -20.28 -21.11
CA VAL B 658 -7.99 -19.68 -21.19
C VAL B 658 -8.63 -19.43 -19.82
N LYS B 659 -7.91 -19.68 -18.74
CA LYS B 659 -8.51 -19.60 -17.41
C LYS B 659 -8.17 -18.35 -16.63
N LEU B 660 -7.15 -17.58 -17.01
CA LEU B 660 -6.69 -16.59 -16.04
C LEU B 660 -7.55 -15.34 -16.05
N GLU B 661 -7.49 -14.60 -14.95
CA GLU B 661 -8.47 -13.57 -14.66
C GLU B 661 -7.84 -12.22 -14.34
N VAL B 662 -6.68 -12.22 -13.71
CA VAL B 662 -5.99 -10.99 -13.34
C VAL B 662 -4.67 -10.95 -14.08
N LEU B 663 -4.56 -10.07 -15.07
CA LEU B 663 -3.36 -9.95 -15.89
C LEU B 663 -2.88 -8.51 -15.80
N LEU B 664 -1.90 -8.24 -14.95
CA LEU B 664 -1.47 -6.89 -14.68
C LEU B 664 -0.03 -6.69 -15.13
N GLY B 665 0.28 -5.47 -15.57
CA GLY B 665 1.60 -5.14 -16.04
C GLY B 665 1.97 -5.86 -17.33
N PHE B 666 1.34 -5.50 -18.43
CA PHE B 666 1.39 -6.36 -19.60
C PHE B 666 2.67 -6.15 -20.41
N LYS B 667 2.92 -4.91 -20.87
CA LYS B 667 4.02 -4.53 -21.74
C LYS B 667 4.06 -5.34 -23.03
N PRO B 668 3.21 -5.07 -24.02
CA PRO B 668 3.26 -5.84 -25.28
C PRO B 668 4.52 -5.54 -26.09
N ALA B 669 4.71 -6.36 -27.13
CA ALA B 669 5.99 -6.48 -27.81
C ALA B 669 6.19 -5.42 -28.89
N ARG B 670 7.38 -5.46 -29.49
CA ARG B 670 7.68 -4.60 -30.63
C ARG B 670 7.19 -5.22 -31.93
N SER B 671 7.86 -6.29 -32.37
CA SER B 671 7.50 -6.98 -33.60
C SER B 671 7.25 -8.47 -33.39
N ASN B 672 8.22 -9.20 -32.86
CA ASN B 672 8.03 -10.61 -32.59
C ASN B 672 8.73 -11.07 -31.32
N ASN B 673 9.24 -10.16 -30.50
CA ASN B 673 9.98 -10.50 -29.31
C ASN B 673 9.08 -10.83 -28.12
N GLY B 674 7.79 -11.02 -28.35
CA GLY B 674 6.87 -11.35 -27.29
C GLY B 674 5.48 -11.55 -27.83
N CYS B 675 4.48 -11.04 -27.12
CA CYS B 675 3.09 -11.12 -27.55
C CYS B 675 2.51 -9.74 -27.69
N LYS B 676 1.52 -9.61 -28.55
CA LYS B 676 0.89 -8.33 -28.84
C LYS B 676 -0.49 -8.28 -28.18
N LEU B 677 -1.17 -7.14 -28.36
CA LEU B 677 -2.53 -7.02 -27.85
C LEU B 677 -3.52 -7.87 -28.63
N SER B 678 -3.16 -8.35 -29.82
CA SER B 678 -4.02 -9.28 -30.52
C SER B 678 -4.07 -10.64 -29.85
N GLU B 679 -3.12 -10.93 -28.97
CA GLU B 679 -3.11 -12.16 -28.19
C GLU B 679 -4.04 -12.06 -26.99
N VAL B 680 -4.41 -10.85 -26.57
CA VAL B 680 -5.25 -10.68 -25.39
C VAL B 680 -6.72 -10.91 -25.72
N LYS B 681 -7.06 -10.90 -27.02
CA LYS B 681 -8.46 -11.03 -27.45
C LYS B 681 -9.08 -12.38 -27.10
N ASN B 682 -8.26 -13.42 -26.94
CA ASN B 682 -8.79 -14.75 -26.66
C ASN B 682 -9.24 -14.91 -25.22
N LEU B 683 -8.63 -14.19 -24.28
CA LEU B 683 -8.80 -14.43 -22.85
C LEU B 683 -10.17 -13.92 -22.41
N THR B 684 -11.19 -14.76 -22.58
CA THR B 684 -12.55 -14.37 -22.23
C THR B 684 -12.76 -14.26 -20.73
N ASN B 685 -11.95 -14.94 -19.92
CA ASN B 685 -12.21 -15.01 -18.50
C ASN B 685 -11.62 -13.87 -17.69
N LEU B 686 -10.91 -12.92 -18.29
CA LEU B 686 -10.26 -11.94 -17.43
C LEU B 686 -11.21 -10.81 -17.06
N ARG B 687 -10.96 -10.21 -15.90
CA ARG B 687 -11.73 -9.08 -15.43
C ARG B 687 -10.89 -7.90 -14.94
N LYS B 688 -9.66 -8.12 -14.49
CA LYS B 688 -8.73 -7.04 -14.26
C LYS B 688 -7.68 -7.07 -15.36
N LEU B 689 -7.21 -5.91 -15.77
CA LEU B 689 -6.14 -5.86 -16.77
C LEU B 689 -5.33 -4.60 -16.55
N GLY B 690 -4.02 -4.70 -16.75
CA GLY B 690 -3.18 -3.53 -16.65
C GLY B 690 -2.16 -3.43 -17.76
N LEU B 691 -2.26 -2.41 -18.60
CA LEU B 691 -1.30 -2.23 -19.66
C LEU B 691 -0.17 -1.32 -19.20
N SER B 692 0.96 -1.42 -19.87
CA SER B 692 2.11 -0.58 -19.56
C SER B 692 2.74 -0.07 -20.84
N LEU B 693 1.91 0.51 -21.70
CA LEU B 693 2.31 0.97 -23.02
C LEU B 693 3.36 2.07 -22.92
N THR B 694 4.52 1.83 -23.54
CA THR B 694 5.64 2.75 -23.42
C THR B 694 6.14 3.33 -24.74
N ARG B 695 5.91 2.67 -25.87
CA ARG B 695 6.27 3.20 -27.17
C ARG B 695 5.11 3.04 -28.12
N GLY B 696 5.09 3.88 -29.16
CA GLY B 696 4.01 3.84 -30.12
C GLY B 696 3.99 2.61 -30.99
N ASP B 697 5.13 1.96 -31.18
CA ASP B 697 5.18 0.78 -32.04
C ASP B 697 4.82 -0.50 -31.32
N GLN B 698 4.40 -0.42 -30.06
CA GLN B 698 3.89 -1.58 -29.36
C GLN B 698 2.48 -1.95 -29.82
N ILE B 699 1.67 -0.95 -30.14
CA ILE B 699 0.32 -1.18 -30.62
C ILE B 699 0.38 -1.23 -32.13
N GLU B 700 -0.02 -2.35 -32.70
CA GLU B 700 -0.03 -2.47 -34.15
C GLU B 700 -1.40 -2.05 -34.66
N GLU B 701 -1.43 -1.46 -35.87
CA GLU B 701 -2.60 -0.72 -36.33
C GLU B 701 -3.78 -1.63 -36.66
N GLU B 702 -3.54 -2.83 -37.18
CA GLU B 702 -4.64 -3.67 -37.61
C GLU B 702 -5.35 -4.38 -36.47
N GLU B 703 -4.93 -4.17 -35.23
CA GLU B 703 -5.48 -4.88 -34.09
C GLU B 703 -5.80 -3.91 -32.96
N LEU B 704 -6.30 -2.72 -33.31
CA LEU B 704 -6.93 -1.84 -32.34
C LEU B 704 -8.30 -2.34 -31.91
N ASP B 705 -8.83 -3.35 -32.58
CA ASP B 705 -10.11 -4.00 -32.36
C ASP B 705 -10.09 -4.94 -31.17
N SER B 706 -9.00 -4.99 -30.40
CA SER B 706 -8.78 -6.11 -29.49
C SER B 706 -9.67 -6.03 -28.25
N LEU B 707 -9.64 -4.90 -27.54
CA LEU B 707 -10.31 -4.82 -26.25
C LEU B 707 -11.80 -4.48 -26.39
N ILE B 708 -12.55 -5.18 -27.23
CA ILE B 708 -13.94 -4.83 -27.47
C ILE B 708 -14.91 -5.96 -27.09
N ASN B 709 -14.48 -7.21 -27.08
CA ASN B 709 -15.41 -8.31 -26.86
C ASN B 709 -15.13 -9.06 -25.56
N LEU B 710 -14.28 -8.51 -24.70
CA LEU B 710 -14.08 -9.08 -23.37
C LEU B 710 -15.33 -8.81 -22.55
N SER B 711 -16.21 -9.79 -22.45
CA SER B 711 -17.52 -9.55 -21.85
C SER B 711 -17.46 -9.46 -20.33
N LYS B 712 -16.37 -9.88 -19.70
CA LYS B 712 -16.31 -9.94 -18.25
C LYS B 712 -15.31 -8.97 -17.66
N LEU B 713 -14.79 -8.03 -18.45
CA LEU B 713 -13.79 -7.09 -17.96
C LEU B 713 -14.40 -6.09 -16.99
N MET B 714 -13.62 -5.68 -16.00
CA MET B 714 -14.12 -4.72 -15.02
C MET B 714 -13.24 -3.51 -14.81
N SER B 715 -11.91 -3.66 -14.83
CA SER B 715 -11.05 -2.53 -14.49
C SER B 715 -9.76 -2.59 -15.29
N ILE B 716 -9.62 -1.72 -16.27
CA ILE B 716 -8.33 -1.55 -16.95
C ILE B 716 -7.55 -0.46 -16.24
N SER B 717 -6.26 -0.42 -16.53
CA SER B 717 -5.38 0.63 -16.03
C SER B 717 -4.22 0.75 -16.99
N ILE B 718 -3.92 1.97 -17.41
CA ILE B 718 -2.97 2.23 -18.49
C ILE B 718 -1.86 3.08 -17.90
N ASN B 719 -0.66 2.53 -17.83
CA ASN B 719 0.45 3.18 -17.15
C ASN B 719 1.52 3.51 -18.18
N CYS B 720 1.50 4.74 -18.68
CA CYS B 720 2.47 5.19 -19.68
C CYS B 720 3.56 6.03 -19.04
N TYR B 721 4.37 5.43 -18.17
CA TYR B 721 5.38 6.20 -17.44
C TYR B 721 6.53 6.64 -18.35
N ASP B 722 7.25 5.70 -18.93
CA ASP B 722 8.16 6.06 -20.01
C ASP B 722 7.34 6.14 -21.29
N SER B 723 7.47 7.24 -22.02
CA SER B 723 6.65 7.41 -23.20
C SER B 723 7.35 8.40 -24.12
N TYR B 724 7.75 7.93 -25.29
CA TYR B 724 8.57 8.76 -26.17
C TYR B 724 7.84 9.23 -27.41
N GLY B 725 7.24 8.32 -28.17
CA GLY B 725 6.74 8.66 -29.48
C GLY B 725 5.50 9.52 -29.43
N ASP B 726 5.26 10.22 -30.54
CA ASP B 726 4.02 10.95 -30.71
C ASP B 726 2.92 10.07 -31.29
N ASP B 727 3.30 8.94 -31.90
CA ASP B 727 2.30 7.99 -32.37
C ASP B 727 1.67 7.19 -31.25
N LEU B 728 2.27 7.19 -30.05
CA LEU B 728 1.65 6.56 -28.90
C LEU B 728 0.33 7.22 -28.53
N ILE B 729 0.23 8.53 -28.74
CA ILE B 729 -1.02 9.24 -28.49
C ILE B 729 -2.06 8.86 -29.54
N THR B 730 -1.65 8.80 -30.79
CA THR B 730 -2.58 8.45 -31.87
C THR B 730 -2.82 6.95 -31.97
N LYS B 731 -2.21 6.14 -31.11
CA LYS B 731 -2.55 4.73 -31.03
C LYS B 731 -3.13 4.33 -29.70
N ILE B 732 -3.11 5.20 -28.69
CA ILE B 732 -3.97 4.98 -27.53
C ILE B 732 -5.42 5.34 -27.87
N ASP B 733 -5.62 6.47 -28.56
CA ASP B 733 -6.96 7.04 -28.72
C ASP B 733 -7.88 6.20 -29.59
N ALA B 734 -7.34 5.24 -30.34
CA ALA B 734 -8.17 4.36 -31.12
C ALA B 734 -8.54 3.07 -30.38
N LEU B 735 -7.95 2.81 -29.22
CA LEU B 735 -8.37 1.69 -28.38
C LEU B 735 -9.75 1.98 -27.81
N THR B 736 -10.71 1.09 -28.09
CA THR B 736 -12.05 1.25 -27.56
C THR B 736 -12.28 0.21 -26.48
N PRO B 737 -12.27 0.57 -25.20
CA PRO B 737 -12.58 -0.38 -24.13
C PRO B 737 -14.03 -0.83 -24.21
N PRO B 738 -14.39 -1.96 -23.58
CA PRO B 738 -15.67 -2.60 -23.89
C PRO B 738 -16.88 -1.82 -23.44
N HIS B 739 -18.04 -2.34 -23.84
CA HIS B 739 -19.32 -1.68 -23.60
C HIS B 739 -19.67 -1.63 -22.12
N GLN B 740 -19.12 -2.55 -21.33
CA GLN B 740 -19.54 -2.77 -19.95
C GLN B 740 -18.40 -2.59 -18.95
N LEU B 741 -17.49 -1.65 -19.22
CA LEU B 741 -16.37 -1.43 -18.32
C LEU B 741 -16.85 -0.72 -17.05
N HIS B 742 -16.44 -1.25 -15.90
CA HIS B 742 -16.87 -0.71 -14.62
C HIS B 742 -15.92 0.31 -14.03
N GLU B 743 -14.64 0.28 -14.41
CA GLU B 743 -13.63 1.12 -13.80
C GLU B 743 -12.49 1.30 -14.79
N LEU B 744 -11.90 2.48 -14.84
CA LEU B 744 -10.63 2.64 -15.53
C LEU B 744 -9.80 3.67 -14.79
N SER B 745 -8.53 3.75 -15.18
CA SER B 745 -7.60 4.70 -14.59
C SER B 745 -6.46 4.91 -15.56
N LEU B 746 -5.96 6.13 -15.62
CA LEU B 746 -4.90 6.52 -16.54
C LEU B 746 -3.76 7.06 -15.71
N GLN B 747 -2.62 6.37 -15.73
CA GLN B 747 -1.56 6.75 -14.81
C GLN B 747 -0.81 7.98 -15.28
N PHE B 748 -0.16 7.92 -16.43
CA PHE B 748 0.60 9.08 -16.86
C PHE B 748 0.03 9.74 -18.11
N TYR B 749 -0.09 9.03 -19.24
CA TYR B 749 -0.76 9.49 -20.45
C TYR B 749 -0.22 10.83 -20.96
N PRO B 750 0.89 10.86 -21.69
CA PRO B 750 1.54 12.13 -22.02
C PRO B 750 0.79 12.98 -23.03
N GLY B 751 -0.37 12.55 -23.53
CA GLY B 751 -1.09 13.34 -24.50
C GLY B 751 -1.66 14.62 -23.93
N LYS B 752 -1.92 15.56 -24.82
CA LYS B 752 -2.38 16.88 -24.39
C LYS B 752 -3.87 16.92 -24.11
N SER B 753 -4.67 16.13 -24.82
CA SER B 753 -6.11 16.18 -24.62
C SER B 753 -6.70 14.79 -24.40
N SER B 754 -8.01 14.70 -24.36
CA SER B 754 -8.71 13.46 -24.04
C SER B 754 -8.63 12.47 -25.19
N PRO B 755 -8.59 11.17 -24.90
CA PRO B 755 -8.38 10.16 -25.95
C PRO B 755 -9.59 9.86 -26.82
N SER B 756 -10.66 10.66 -26.77
CA SER B 756 -11.85 10.56 -27.62
C SER B 756 -12.60 9.23 -27.49
N TRP B 757 -12.28 8.41 -26.49
CA TRP B 757 -13.16 7.34 -26.07
C TRP B 757 -13.59 7.48 -24.63
N LEU B 758 -13.16 8.54 -23.96
CA LEU B 758 -13.76 8.94 -22.69
C LEU B 758 -15.01 9.77 -22.99
N SER B 759 -16.03 9.08 -23.50
CA SER B 759 -17.31 9.68 -23.77
C SER B 759 -18.38 8.78 -23.16
N PRO B 760 -19.44 9.36 -22.61
CA PRO B 760 -20.49 8.54 -22.00
C PRO B 760 -21.28 7.71 -22.99
N HIS B 761 -21.13 7.95 -24.29
CA HIS B 761 -21.68 7.01 -25.27
C HIS B 761 -20.95 5.68 -25.23
N LYS B 762 -19.63 5.71 -25.39
CA LYS B 762 -18.89 4.49 -25.64
C LYS B 762 -18.55 3.68 -24.40
N LEU B 763 -18.79 4.21 -23.21
CA LEU B 763 -18.67 3.44 -21.97
C LEU B 763 -19.72 3.93 -20.97
N PRO B 764 -20.95 3.43 -21.08
CA PRO B 764 -22.05 3.95 -20.27
C PRO B 764 -21.94 3.60 -18.81
N MET B 765 -21.65 2.34 -18.51
CA MET B 765 -21.72 1.85 -17.14
C MET B 765 -20.43 2.07 -16.37
N LEU B 766 -19.61 3.03 -16.78
CA LEU B 766 -18.45 3.41 -16.00
C LEU B 766 -18.90 4.05 -14.69
N ARG B 767 -18.37 3.57 -13.57
CA ARG B 767 -18.72 4.14 -12.29
C ARG B 767 -17.56 4.70 -11.49
N TYR B 768 -16.32 4.43 -11.88
CA TYR B 768 -15.18 5.00 -11.17
C TYR B 768 -14.10 5.34 -12.17
N MET B 769 -13.40 6.44 -11.92
CA MET B 769 -12.44 6.97 -12.88
C MET B 769 -11.42 7.81 -12.13
N SER B 770 -10.15 7.64 -12.44
CA SER B 770 -9.11 8.40 -11.78
C SER B 770 -8.00 8.71 -12.76
N ILE B 771 -7.47 9.92 -12.71
CA ILE B 771 -6.44 10.39 -13.62
C ILE B 771 -5.27 10.88 -12.79
N CYS B 772 -4.14 10.20 -12.88
CA CYS B 772 -2.95 10.59 -12.14
C CYS B 772 -2.13 11.56 -13.00
N SER B 773 -0.85 11.76 -12.66
CA SER B 773 0.00 12.83 -13.18
C SER B 773 0.16 12.75 -14.69
N GLY B 774 0.66 13.81 -15.28
CA GLY B 774 0.90 13.80 -16.71
C GLY B 774 0.80 15.20 -17.30
N ASN B 775 0.56 15.22 -18.60
CA ASN B 775 0.55 16.46 -19.38
C ASN B 775 -0.79 16.75 -20.01
N LEU B 776 -1.88 16.22 -19.47
CA LEU B 776 -3.19 16.38 -20.08
C LEU B 776 -3.72 17.77 -19.76
N VAL B 777 -4.19 18.48 -20.79
CA VAL B 777 -4.50 19.91 -20.69
C VAL B 777 -6.00 20.17 -20.60
N LYS B 778 -6.75 19.81 -21.65
CA LYS B 778 -8.19 20.03 -21.60
C LYS B 778 -8.90 18.80 -22.13
N MET B 779 -10.19 18.77 -21.90
CA MET B 779 -11.02 17.62 -22.25
C MET B 779 -11.76 17.93 -23.54
N GLN B 780 -11.95 16.92 -24.37
CA GLN B 780 -12.58 17.16 -25.66
C GLN B 780 -14.07 17.41 -25.47
N GLU B 781 -14.68 17.93 -26.53
CA GLU B 781 -16.12 18.17 -26.52
C GLU B 781 -17.00 16.91 -26.39
N PRO B 782 -16.64 15.72 -26.91
CA PRO B 782 -17.44 14.54 -26.55
C PRO B 782 -17.27 14.06 -25.11
N PHE B 783 -16.35 14.62 -24.33
CA PHE B 783 -16.21 14.15 -22.94
C PHE B 783 -17.39 14.58 -22.09
N TRP B 784 -17.85 15.81 -22.24
CA TRP B 784 -19.00 16.24 -21.46
C TRP B 784 -20.27 15.59 -21.97
N GLY B 785 -20.30 15.26 -23.26
CA GLY B 785 -21.35 14.48 -23.89
C GLY B 785 -22.72 15.09 -23.75
N ASN B 786 -22.89 16.34 -24.16
CA ASN B 786 -24.07 17.09 -23.75
C ASN B 786 -25.23 16.86 -24.74
N GLU B 787 -25.60 15.60 -24.84
CA GLU B 787 -26.93 15.19 -25.24
C GLU B 787 -27.78 15.11 -23.98
N ASN B 788 -28.93 14.45 -24.05
CA ASN B 788 -29.68 14.18 -22.84
C ASN B 788 -29.18 12.95 -22.09
N THR B 789 -28.03 12.40 -22.48
CA THR B 789 -27.37 11.30 -21.80
C THR B 789 -26.21 11.80 -20.95
N HIS B 790 -25.80 10.99 -19.99
CA HIS B 790 -24.81 11.41 -19.00
C HIS B 790 -23.95 10.22 -18.60
N TRP B 791 -23.22 10.36 -17.48
CA TRP B 791 -22.06 9.54 -17.16
C TRP B 791 -22.32 8.34 -16.27
N ARG B 792 -23.17 8.46 -15.25
CA ARG B 792 -23.39 7.46 -14.21
C ARG B 792 -22.08 7.16 -13.44
N ILE B 793 -21.24 8.17 -13.29
CA ILE B 793 -20.05 8.06 -12.47
C ILE B 793 -20.38 8.44 -11.04
N GLU B 794 -20.03 7.58 -10.09
CA GLU B 794 -20.24 7.88 -8.69
C GLU B 794 -18.96 8.21 -7.93
N GLY B 795 -17.80 8.03 -8.54
CA GLY B 795 -16.55 8.39 -7.89
C GLY B 795 -15.54 8.91 -8.87
N LEU B 796 -14.75 9.91 -8.47
CA LEU B 796 -13.82 10.54 -9.39
C LEU B 796 -12.60 11.02 -8.61
N MET B 797 -11.43 10.82 -9.18
CA MET B 797 -10.18 11.29 -8.60
C MET B 797 -9.38 12.03 -9.66
N LEU B 798 -8.86 13.20 -9.31
CA LEU B 798 -8.02 13.97 -10.21
C LEU B 798 -6.78 14.38 -9.43
N SER B 799 -5.81 13.48 -9.33
CA SER B 799 -4.57 13.78 -8.65
C SER B 799 -3.62 14.57 -9.54
N SER B 800 -2.32 14.57 -9.22
CA SER B 800 -1.44 15.69 -9.52
C SER B 800 -1.17 15.93 -10.99
N LEU B 801 -2.19 16.38 -11.71
CA LEU B 801 -2.03 17.04 -12.99
C LEU B 801 -1.70 18.50 -12.74
N SER B 802 -1.00 19.11 -13.69
CA SER B 802 -0.58 20.49 -13.51
C SER B 802 -1.15 21.43 -14.54
N ASP B 803 -1.92 20.96 -15.51
CA ASP B 803 -2.32 21.81 -16.63
C ASP B 803 -3.80 21.66 -16.98
N LEU B 804 -4.61 21.16 -16.07
CA LEU B 804 -6.03 21.06 -16.38
C LEU B 804 -6.73 22.40 -16.27
N ASP B 805 -7.80 22.53 -17.06
CA ASP B 805 -8.76 23.64 -16.95
C ASP B 805 -10.13 23.07 -17.27
N MET B 806 -10.90 22.77 -16.24
CA MET B 806 -12.30 22.43 -16.41
C MET B 806 -13.11 23.14 -15.34
N ASP B 807 -14.35 23.45 -15.67
CA ASP B 807 -15.21 24.14 -14.72
C ASP B 807 -15.78 23.15 -13.71
N TRP B 808 -16.60 23.66 -12.80
CA TRP B 808 -17.23 22.85 -11.77
C TRP B 808 -18.72 22.66 -12.00
N GLU B 809 -19.43 23.70 -12.43
CA GLU B 809 -20.84 23.54 -12.80
C GLU B 809 -21.00 22.74 -14.08
N VAL B 810 -20.00 22.75 -14.96
CA VAL B 810 -20.06 21.93 -16.16
C VAL B 810 -19.95 20.45 -15.80
N LEU B 811 -19.15 20.13 -14.77
CA LEU B 811 -19.11 18.76 -14.24
C LEU B 811 -20.46 18.32 -13.73
N GLN B 812 -21.04 19.09 -12.81
CA GLN B 812 -22.28 18.68 -12.17
C GLN B 812 -23.46 18.69 -13.13
N GLN B 813 -23.43 19.53 -14.15
CA GLN B 813 -24.46 19.40 -15.16
C GLN B 813 -24.22 18.19 -16.04
N SER B 814 -22.96 17.85 -16.30
CA SER B 814 -22.65 16.72 -17.17
C SER B 814 -22.60 15.39 -16.44
N MET B 815 -22.39 15.40 -15.13
CA MET B 815 -22.20 14.19 -14.35
C MET B 815 -23.13 14.26 -13.15
N PRO B 816 -24.27 13.58 -13.19
CA PRO B 816 -25.36 13.87 -12.25
C PRO B 816 -25.08 13.47 -10.81
N TYR B 817 -24.58 12.27 -10.60
CA TYR B 817 -24.51 11.73 -9.24
C TYR B 817 -23.12 11.24 -8.90
N LEU B 818 -22.15 12.12 -9.11
CA LEU B 818 -20.92 12.13 -8.31
C LEU B 818 -21.23 12.11 -6.82
N ARG B 819 -20.35 11.46 -6.07
CA ARG B 819 -20.41 11.52 -4.62
C ARG B 819 -19.14 12.10 -4.03
N THR B 820 -17.98 11.66 -4.47
CA THR B 820 -16.70 12.16 -3.99
C THR B 820 -15.86 12.61 -5.17
N VAL B 821 -15.15 13.72 -5.02
CA VAL B 821 -14.14 14.17 -5.98
C VAL B 821 -12.88 14.41 -5.18
N THR B 822 -11.96 13.45 -5.20
CA THR B 822 -10.68 13.61 -4.52
C THR B 822 -9.68 14.17 -5.52
N ALA B 823 -9.52 15.49 -5.52
CA ALA B 823 -8.44 16.13 -6.25
C ALA B 823 -7.31 16.40 -5.29
N ASN B 824 -6.09 16.14 -5.72
CA ASN B 824 -4.97 16.02 -4.82
C ASN B 824 -3.98 17.18 -4.94
N TRP B 825 -3.39 17.37 -6.11
CA TRP B 825 -2.38 18.40 -6.26
C TRP B 825 -2.55 19.08 -7.61
N CYS B 826 -3.76 19.47 -7.93
CA CYS B 826 -4.02 19.96 -9.28
C CYS B 826 -4.42 21.43 -9.26
N PRO B 827 -3.51 22.35 -9.56
CA PRO B 827 -3.88 23.76 -9.67
C PRO B 827 -4.64 24.03 -10.96
N GLU B 828 -5.02 25.29 -11.15
CA GLU B 828 -5.83 25.77 -12.26
C GLU B 828 -7.18 25.05 -12.36
N LEU B 829 -7.73 24.66 -11.21
CA LEU B 829 -9.07 24.12 -11.09
C LEU B 829 -9.79 24.76 -9.92
N GLU B 830 -9.65 26.07 -9.76
CA GLU B 830 -10.14 26.73 -8.56
C GLU B 830 -11.64 26.96 -8.57
N SER B 831 -12.35 26.46 -9.59
CA SER B 831 -13.79 26.42 -9.50
C SER B 831 -14.29 25.34 -8.55
N PHE B 832 -13.45 24.39 -8.17
CA PHE B 832 -13.90 23.32 -7.27
C PHE B 832 -14.13 23.89 -5.88
N ALA B 833 -15.00 23.23 -5.12
CA ALA B 833 -15.27 23.63 -3.75
C ALA B 833 -14.31 23.00 -2.77
N ILE B 834 -13.30 22.29 -3.25
CA ILE B 834 -12.22 21.80 -2.42
C ILE B 834 -11.43 23.00 -1.90
N GLU B 835 -10.90 22.86 -0.66
CA GLU B 835 -10.42 24.01 0.10
C GLU B 835 -9.23 24.70 -0.57
N ASP B 836 -8.21 23.94 -0.92
CA ASP B 836 -7.10 24.45 -1.73
C ASP B 836 -6.72 23.35 -2.70
N VAL B 837 -7.35 23.37 -3.88
CA VAL B 837 -7.32 22.23 -4.79
C VAL B 837 -5.96 22.05 -5.42
N GLY B 838 -5.14 23.09 -5.43
CA GLY B 838 -3.85 22.98 -6.06
C GLY B 838 -2.72 22.60 -5.14
N PHE B 839 -2.96 22.48 -3.85
CA PHE B 839 -1.86 22.31 -2.92
C PHE B 839 -2.09 21.29 -1.82
N ARG B 840 -3.21 20.59 -1.80
CA ARG B 840 -3.59 19.64 -0.77
C ARG B 840 -4.87 18.97 -1.22
N GLY B 841 -5.02 17.70 -0.85
CA GLY B 841 -6.21 16.97 -1.22
C GLY B 841 -7.45 17.47 -0.54
N GLY B 842 -8.58 16.97 -1.04
CA GLY B 842 -9.87 17.12 -0.41
C GLY B 842 -10.72 15.94 -0.81
N VAL B 843 -11.97 15.93 -0.37
CA VAL B 843 -12.84 14.82 -0.72
C VAL B 843 -14.11 15.28 -1.41
N TRP B 844 -14.72 16.36 -0.91
CA TRP B 844 -16.03 16.86 -1.33
C TRP B 844 -17.10 15.77 -1.27
N MET B 845 -17.43 15.39 -0.04
CA MET B 845 -18.57 14.50 0.17
C MET B 845 -19.85 15.20 -0.30
N LYS B 846 -20.75 14.42 -0.89
CA LYS B 846 -21.99 15.01 -1.38
C LYS B 846 -22.90 15.35 -0.23
N THR B 847 -23.59 16.49 -0.35
CA THR B 847 -24.56 16.94 0.64
C THR B 847 -25.73 15.99 0.81
PB ADP C . -9.62 -1.29 22.60
O1B ADP C . -9.68 0.20 22.74
O2B ADP C . -9.49 -2.04 23.89
O3B ADP C . -8.66 -1.75 21.53
PA ADP C . -11.70 -0.94 20.77
O1A ADP C . -12.03 0.49 21.12
O2A ADP C . -10.77 -1.22 19.61
O3A ADP C . -11.10 -1.67 22.06
O5' ADP C . -13.07 -1.70 20.45
C5' ADP C . -13.23 -2.17 19.12
C4' ADP C . -14.67 -2.07 18.68
O4' ADP C . -15.48 -1.51 19.70
C3' ADP C . -14.80 -1.13 17.50
O3' ADP C . -14.97 -1.87 16.29
C2' ADP C . -16.04 -0.31 17.77
O2' ADP C . -17.02 -0.56 16.76
C1' ADP C . -16.55 -0.80 19.09
N9 ADP C . -16.96 0.33 19.95
C8 ADP C . -16.29 0.79 21.00
N7 ADP C . -16.95 1.82 21.57
C5 ADP C . -18.07 2.02 20.87
C6 ADP C . -19.21 2.94 20.95
N6 ADP C . -19.26 3.87 21.91
N1 ADP C . -20.18 2.82 20.02
C2 ADP C . -20.11 1.89 19.07
N3 ADP C . -19.11 1.01 18.94
C4 ADP C . -18.07 1.04 19.80
#